data_7SHS
#
_entry.id   7SHS
#
_cell.length_a   1.00
_cell.length_b   1.00
_cell.length_c   1.00
_cell.angle_alpha   90.00
_cell.angle_beta   90.00
_cell.angle_gamma   90.00
#
_symmetry.space_group_name_H-M   'P 1'
#
_entity_poly.entity_id   1
_entity_poly.type   'polypeptide(L)'
_entity_poly.pdbx_seq_one_letter_code
;(AYA)HAPGTDQMFYVGTMDGWYLDTKLNSVAIGAHWSCFIVLTITTFYLGYESWTSRGPSKRTSFYAGYQEEQNLALFV
NFFAMLSYFGKIVADTLGHNFGDVGPFIIGFGNYRYADYMLTCPMLVYDLLYQLRAPYRVSCSAIIFAILMSGVLAEFYA
EGDPRLRNGAYAWYGFGCFWFIFAYSIVMSIVAKQYSRLAQLAQDTGAEHSLHVLKFAVFTFSMLWILFPLVWAICPRGF
GWIDDNWTEVAHCVCDIVAKSCYGFALARFRKTYDEELFRLLEQLGHDEDEFQKLELDMRLSSNGERLRRLSLNSLEVLF
Q
;
_entity_poly.pdbx_strand_id   A,B,C
#
# COMPACT_ATOMS: atom_id res chain seq x y z
N HIS A 2 -20.90 -20.58 -16.48
CA HIS A 2 -20.18 -20.52 -15.22
C HIS A 2 -19.03 -21.53 -15.21
N ALA A 3 -19.37 -22.81 -15.24
CA ALA A 3 -18.39 -23.88 -15.26
C ALA A 3 -18.69 -24.84 -16.42
N PRO A 4 -17.67 -25.29 -17.14
CA PRO A 4 -17.92 -26.21 -18.26
C PRO A 4 -18.31 -27.59 -17.78
N GLY A 5 -19.32 -28.17 -18.42
CA GLY A 5 -19.76 -29.52 -18.15
C GLY A 5 -20.61 -29.70 -16.91
N THR A 6 -20.63 -28.73 -16.00
CA THR A 6 -21.42 -28.83 -14.78
C THR A 6 -22.37 -27.65 -14.69
N ASP A 7 -23.61 -27.93 -14.29
CA ASP A 7 -24.61 -26.89 -14.12
C ASP A 7 -24.43 -26.12 -12.81
N GLN A 8 -23.61 -26.61 -11.89
CA GLN A 8 -23.37 -25.90 -10.65
C GLN A 8 -22.59 -24.62 -10.90
N MET A 9 -22.82 -23.63 -10.06
CA MET A 9 -22.14 -22.34 -10.16
C MET A 9 -21.47 -22.02 -8.83
N PHE A 10 -20.40 -21.25 -8.90
CA PHE A 10 -19.61 -20.88 -7.73
C PHE A 10 -19.85 -19.41 -7.39
N TYR A 11 -20.21 -19.17 -6.14
CA TYR A 11 -20.62 -17.84 -5.68
C TYR A 11 -19.47 -17.03 -5.11
N VAL A 12 -18.25 -17.56 -5.11
CA VAL A 12 -17.13 -16.87 -4.50
C VAL A 12 -16.70 -15.69 -5.35
N GLY A 13 -16.45 -14.56 -4.68
CA GLY A 13 -15.93 -13.39 -5.37
C GLY A 13 -16.93 -12.67 -6.26
N THR A 14 -18.21 -12.91 -6.07
CA THR A 14 -19.25 -12.31 -6.91
C THR A 14 -20.31 -11.65 -6.04
N MET A 15 -21.01 -10.69 -6.64
CA MET A 15 -22.15 -10.07 -5.97
C MET A 15 -23.32 -11.02 -5.82
N ASP A 16 -23.37 -12.09 -6.63
CA ASP A 16 -24.44 -13.07 -6.50
C ASP A 16 -24.35 -13.79 -5.15
N GLY A 17 -23.14 -14.19 -4.76
CA GLY A 17 -22.95 -14.75 -3.43
C GLY A 17 -23.01 -13.72 -2.33
N TRP A 18 -22.84 -12.44 -2.66
CA TRP A 18 -22.94 -11.38 -1.67
C TRP A 18 -24.35 -11.28 -1.12
N TYR A 19 -25.37 -11.40 -1.98
CA TYR A 19 -26.76 -11.27 -1.57
C TYR A 19 -27.34 -12.56 -1.00
N LEU A 20 -26.56 -13.63 -0.95
CA LEU A 20 -27.04 -14.88 -0.38
C LEU A 20 -27.21 -14.75 1.13
N ASP A 21 -28.09 -15.60 1.67
CA ASP A 21 -28.30 -15.61 3.11
C ASP A 21 -27.09 -16.20 3.83
N THR A 22 -26.97 -15.86 5.11
CA THR A 22 -25.82 -16.27 5.89
C THR A 22 -25.83 -17.78 6.11
N LYS A 23 -24.63 -18.35 6.25
CA LYS A 23 -24.45 -19.76 6.56
C LYS A 23 -24.02 -19.97 8.01
N LEU A 24 -23.99 -18.91 8.81
CA LEU A 24 -23.57 -19.01 10.20
C LEU A 24 -24.77 -19.31 11.10
N ASN A 25 -24.46 -19.66 12.35
CA ASN A 25 -25.46 -19.96 13.35
C ASN A 25 -25.33 -18.99 14.52
N SER A 26 -26.09 -19.27 15.58
CA SER A 26 -26.18 -18.33 16.70
C SER A 26 -24.85 -18.19 17.44
N VAL A 27 -24.15 -19.31 17.66
CA VAL A 27 -22.92 -19.26 18.44
C VAL A 27 -21.83 -18.48 17.70
N ALA A 28 -21.78 -18.59 16.37
CA ALA A 28 -20.81 -17.80 15.61
C ALA A 28 -21.10 -16.30 15.73
N ILE A 29 -22.38 -15.92 15.67
CA ILE A 29 -22.74 -14.52 15.83
C ILE A 29 -22.38 -14.01 17.23
N GLY A 30 -22.66 -14.84 18.25
CA GLY A 30 -22.30 -14.44 19.60
C GLY A 30 -20.81 -14.31 19.81
N ALA A 31 -20.03 -15.22 19.22
CA ALA A 31 -18.58 -15.13 19.30
C ALA A 31 -18.06 -13.89 18.59
N HIS A 32 -18.64 -13.57 17.43
CA HIS A 32 -18.26 -12.35 16.71
C HIS A 32 -18.58 -11.11 17.56
N TRP A 33 -19.75 -11.10 18.20
CA TRP A 33 -20.11 -9.97 19.06
C TRP A 33 -19.14 -9.82 20.22
N SER A 34 -18.82 -10.94 20.89
CA SER A 34 -17.91 -10.89 22.03
C SER A 34 -16.51 -10.43 21.59
N CYS A 35 -16.02 -10.95 20.46
CA CYS A 35 -14.70 -10.56 19.98
C CYS A 35 -14.66 -9.10 19.59
N PHE A 36 -15.71 -8.61 18.93
CA PHE A 36 -15.78 -7.19 18.59
C PHE A 36 -15.81 -6.32 19.84
N ILE A 37 -16.57 -6.74 20.85
CA ILE A 37 -16.68 -5.96 22.08
C ILE A 37 -15.33 -5.87 22.78
N VAL A 38 -14.64 -7.01 22.90
CA VAL A 38 -13.35 -6.99 23.62
C VAL A 38 -12.30 -6.25 22.80
N LEU A 39 -12.34 -6.36 21.46
CA LEU A 39 -11.41 -5.59 20.65
C LEU A 39 -11.65 -4.10 20.81
N THR A 40 -12.92 -3.68 20.83
CA THR A 40 -13.25 -2.27 20.99
C THR A 40 -12.80 -1.75 22.34
N ILE A 41 -13.03 -2.53 23.41
CA ILE A 41 -12.67 -2.04 24.74
C ILE A 41 -11.15 -2.03 24.90
N THR A 42 -10.42 -2.98 24.31
CA THR A 42 -8.96 -2.93 24.35
C THR A 42 -8.43 -1.75 23.56
N THR A 43 -9.03 -1.46 22.40
CA THR A 43 -8.62 -0.29 21.63
C THR A 43 -8.87 1.00 22.42
N PHE A 44 -10.02 1.10 23.08
CA PHE A 44 -10.33 2.27 23.87
C PHE A 44 -9.35 2.43 25.04
N TYR A 45 -9.05 1.33 25.74
CA TYR A 45 -8.13 1.37 26.86
C TYR A 45 -6.73 1.77 26.40
N LEU A 46 -6.27 1.19 25.30
CA LEU A 46 -4.92 1.49 24.82
C LEU A 46 -4.83 2.91 24.29
N GLY A 47 -5.89 3.42 23.68
CA GLY A 47 -5.90 4.82 23.28
C GLY A 47 -5.92 5.76 24.47
N TYR A 48 -6.65 5.40 25.53
CA TYR A 48 -6.64 6.19 26.75
C TYR A 48 -5.25 6.23 27.37
N GLU A 49 -4.55 5.10 27.37
CA GLU A 49 -3.18 5.08 27.86
C GLU A 49 -2.26 5.89 26.94
N SER A 50 -2.52 5.86 25.63
CA SER A 50 -1.69 6.58 24.68
C SER A 50 -1.84 8.09 24.85
N TRP A 51 -3.06 8.56 25.15
CA TRP A 51 -3.24 9.98 25.40
C TRP A 51 -2.51 10.43 26.66
N THR A 52 -2.62 9.64 27.73
CA THR A 52 -1.87 9.90 28.97
C THR A 52 -0.57 9.10 29.00
N SER A 53 0.24 9.23 27.94
CA SER A 53 1.49 8.50 27.82
C SER A 53 2.63 9.48 27.98
N ARG A 54 3.28 9.44 29.14
CA ARG A 54 4.45 10.27 29.40
C ARG A 54 5.70 9.53 28.96
N GLY A 55 6.80 10.27 28.83
CA GLY A 55 8.06 9.68 28.44
C GLY A 55 8.68 8.89 29.56
N PRO A 56 9.82 8.24 29.29
CA PRO A 56 10.54 7.53 30.36
C PRO A 56 10.94 8.43 31.51
N SER A 57 11.34 9.68 31.21
CA SER A 57 11.65 10.64 32.25
C SER A 57 10.41 11.21 32.93
N LYS A 58 9.22 10.91 32.39
CA LYS A 58 7.93 11.33 32.94
C LYS A 58 7.77 12.85 32.99
N ARG A 59 8.53 13.56 32.17
CA ARG A 59 8.34 15.00 32.00
C ARG A 59 8.02 15.40 30.57
N THR A 60 8.41 14.59 29.59
CA THR A 60 8.01 14.83 28.21
C THR A 60 6.52 14.55 28.06
N SER A 61 5.76 15.56 27.65
CA SER A 61 4.31 15.46 27.64
C SER A 61 3.82 14.54 26.53
N PHE A 62 4.05 14.92 25.28
CA PHE A 62 3.61 14.13 24.12
C PHE A 62 4.76 13.29 23.58
N TYR A 63 5.23 12.35 24.40
CA TYR A 63 6.27 11.42 23.96
C TYR A 63 5.77 10.53 22.83
N ALA A 64 4.52 10.08 22.92
CA ALA A 64 3.94 9.28 21.84
C ALA A 64 3.71 10.11 20.58
N GLY A 65 3.61 11.43 20.73
CA GLY A 65 3.42 12.30 19.58
C GLY A 65 4.62 12.35 18.65
N TYR A 66 5.82 12.09 19.17
CA TYR A 66 7.03 12.06 18.37
C TYR A 66 7.53 10.64 18.13
N GLN A 67 7.62 9.83 19.19
CA GLN A 67 7.89 8.40 19.04
C GLN A 67 6.57 7.68 18.73
N GLU A 68 6.07 7.91 17.52
CA GLU A 68 4.76 7.42 17.13
C GLU A 68 4.72 5.91 16.98
N GLU A 69 5.87 5.26 16.80
CA GLU A 69 5.91 3.80 16.70
C GLU A 69 5.43 3.14 17.98
N GLN A 70 5.52 3.84 19.11
CA GLN A 70 4.96 3.34 20.36
C GLN A 70 3.46 3.10 20.25
N ASN A 71 2.77 3.90 19.44
CA ASN A 71 1.34 3.71 19.20
C ASN A 71 1.05 2.70 18.11
N LEU A 72 2.09 2.12 17.49
CA LEU A 72 1.93 1.31 16.29
C LEU A 72 0.98 0.14 16.53
N ALA A 73 1.19 -0.59 17.62
CA ALA A 73 0.32 -1.71 17.96
C ALA A 73 -1.14 -1.28 18.06
N LEU A 74 -1.37 -0.10 18.65
CA LEU A 74 -2.68 0.54 18.65
C LEU A 74 -3.37 0.42 17.31
N PHE A 75 -2.70 0.91 16.26
CA PHE A 75 -3.30 0.93 14.93
C PHE A 75 -3.71 -0.48 14.51
N VAL A 76 -2.83 -1.46 14.73
CA VAL A 76 -3.14 -2.84 14.39
C VAL A 76 -4.39 -3.28 15.13
N ASN A 77 -4.41 -3.06 16.45
CA ASN A 77 -5.57 -3.43 17.24
C ASN A 77 -6.80 -2.67 16.74
N PHE A 78 -6.61 -1.39 16.42
CA PHE A 78 -7.71 -0.59 15.88
C PHE A 78 -8.26 -1.24 14.63
N PHE A 79 -7.37 -1.61 13.70
CA PHE A 79 -7.82 -2.21 12.46
C PHE A 79 -8.53 -3.53 12.74
N ALA A 80 -8.08 -4.26 13.76
CA ALA A 80 -8.72 -5.51 14.13
C ALA A 80 -10.18 -5.28 14.46
N MET A 81 -10.48 -4.20 15.19
CA MET A 81 -11.86 -3.86 15.49
C MET A 81 -12.63 -3.66 14.20
N LEU A 82 -12.07 -2.87 13.28
CA LEU A 82 -12.70 -2.69 11.97
C LEU A 82 -12.81 -4.02 11.25
N SER A 83 -11.78 -4.86 11.40
CA SER A 83 -11.75 -6.15 10.73
C SER A 83 -12.92 -7.03 11.13
N TYR A 84 -13.54 -6.75 12.28
CA TYR A 84 -14.71 -7.53 12.65
C TYR A 84 -16.01 -6.73 12.54
N PHE A 85 -15.92 -5.39 12.52
CA PHE A 85 -17.14 -4.59 12.67
C PHE A 85 -18.11 -4.82 11.53
N GLY A 86 -17.59 -4.88 10.30
CA GLY A 86 -18.45 -5.17 9.16
C GLY A 86 -19.13 -6.52 9.28
N LYS A 87 -18.42 -7.51 9.83
CA LYS A 87 -19.03 -8.81 10.06
C LYS A 87 -20.22 -8.70 11.01
N ILE A 88 -20.10 -7.83 12.03
CA ILE A 88 -21.23 -7.57 12.92
C ILE A 88 -22.41 -7.05 12.13
N VAL A 89 -22.14 -6.17 11.15
CA VAL A 89 -23.19 -5.68 10.27
C VAL A 89 -23.83 -6.85 9.52
N ALA A 90 -22.99 -7.77 9.03
CA ALA A 90 -23.51 -8.99 8.42
C ALA A 90 -24.34 -9.79 9.42
N ASP A 91 -23.86 -9.88 10.66
CA ASP A 91 -24.61 -10.57 11.70
C ASP A 91 -25.91 -9.85 12.01
N THR A 92 -25.99 -8.56 11.69
CA THR A 92 -27.25 -7.84 11.81
C THR A 92 -28.19 -8.19 10.67
N LEU A 93 -27.66 -8.39 9.46
CA LEU A 93 -28.49 -8.51 8.27
C LEU A 93 -28.78 -9.95 7.88
N GLY A 94 -28.07 -10.92 8.44
CA GLY A 94 -28.33 -12.32 8.13
C GLY A 94 -28.00 -12.74 6.72
N HIS A 95 -27.10 -12.04 6.05
CA HIS A 95 -26.68 -12.37 4.70
C HIS A 95 -25.28 -12.97 4.70
N ASN A 96 -24.95 -13.66 3.61
CA ASN A 96 -23.67 -14.33 3.50
C ASN A 96 -22.52 -13.33 3.45
N PHE A 97 -21.44 -13.65 4.17
CA PHE A 97 -20.28 -12.78 4.21
C PHE A 97 -18.96 -13.52 4.06
N GLY A 98 -18.99 -14.85 3.93
CA GLY A 98 -17.76 -15.62 3.83
C GLY A 98 -17.18 -15.68 2.44
N ASP A 99 -16.08 -14.94 2.24
CA ASP A 99 -15.33 -14.95 0.97
C ASP A 99 -16.20 -14.58 -0.22
N VAL A 100 -17.08 -13.60 -0.03
CA VAL A 100 -17.96 -13.13 -1.09
C VAL A 100 -17.82 -11.61 -1.19
N GLY A 101 -18.44 -11.05 -2.22
CA GLY A 101 -18.40 -9.63 -2.45
C GLY A 101 -17.09 -9.18 -3.04
N PRO A 102 -16.90 -7.87 -3.16
CA PRO A 102 -15.64 -7.35 -3.70
C PRO A 102 -14.48 -7.59 -2.74
N PHE A 103 -13.29 -7.69 -3.32
CA PHE A 103 -12.07 -7.94 -2.56
C PHE A 103 -11.38 -6.61 -2.30
N ILE A 104 -11.18 -6.29 -1.02
CA ILE A 104 -10.50 -5.06 -0.61
C ILE A 104 -9.42 -5.43 0.39
N ILE A 105 -8.24 -4.82 0.23
CA ILE A 105 -7.08 -5.17 1.03
C ILE A 105 -7.25 -4.64 2.44
N GLY A 106 -7.01 -5.50 3.44
CA GLY A 106 -7.03 -5.10 4.82
C GLY A 106 -8.37 -5.24 5.53
N PHE A 107 -9.38 -5.78 4.86
CA PHE A 107 -10.69 -5.95 5.46
C PHE A 107 -10.97 -7.41 5.78
N GLY A 108 -11.90 -7.63 6.69
CA GLY A 108 -12.31 -8.94 7.14
C GLY A 108 -13.36 -9.61 6.28
N ASN A 109 -13.67 -9.06 5.10
CA ASN A 109 -14.63 -9.72 4.22
C ASN A 109 -14.09 -11.04 3.69
N TYR A 110 -12.76 -11.19 3.66
CA TYR A 110 -12.11 -12.44 3.31
C TYR A 110 -11.33 -12.96 4.52
N ARG A 111 -11.14 -14.28 4.56
CA ARG A 111 -10.68 -14.93 5.77
C ARG A 111 -9.28 -14.49 6.18
N TYR A 112 -8.36 -14.41 5.22
CA TYR A 112 -6.98 -14.07 5.54
C TYR A 112 -6.58 -12.67 5.10
N ALA A 113 -7.41 -12.01 4.29
CA ALA A 113 -7.08 -10.67 3.79
C ALA A 113 -7.13 -9.61 4.87
N ASP A 114 -7.71 -9.91 6.04
CA ASP A 114 -7.78 -8.93 7.11
C ASP A 114 -6.40 -8.66 7.72
N TYR A 115 -5.48 -9.60 7.56
CA TYR A 115 -4.18 -9.53 8.23
C TYR A 115 -3.14 -8.73 7.46
N MET A 116 -3.50 -8.19 6.29
CA MET A 116 -2.56 -7.47 5.43
C MET A 116 -1.92 -6.30 6.17
N LEU A 117 -2.73 -5.51 6.85
CA LEU A 117 -2.24 -4.35 7.58
C LEU A 117 -1.96 -4.62 9.05
N THR A 118 -2.23 -5.84 9.53
CA THR A 118 -2.07 -6.13 10.94
C THR A 118 -0.81 -6.96 11.21
N CYS A 119 -0.67 -8.10 10.55
CA CYS A 119 0.40 -9.04 10.89
C CYS A 119 1.81 -8.50 10.65
N PRO A 120 2.15 -7.93 9.47
CA PRO A 120 3.52 -7.42 9.31
C PRO A 120 3.85 -6.28 10.27
N MET A 121 2.90 -5.37 10.50
CA MET A 121 3.13 -4.29 11.46
C MET A 121 3.30 -4.84 12.87
N LEU A 122 2.51 -5.87 13.22
CA LEU A 122 2.60 -6.46 14.55
C LEU A 122 3.97 -7.12 14.76
N VAL A 123 4.42 -7.91 13.79
CA VAL A 123 5.70 -8.58 13.94
C VAL A 123 6.85 -7.57 13.93
N TYR A 124 6.73 -6.52 13.11
CA TYR A 124 7.73 -5.46 13.09
C TYR A 124 7.81 -4.75 14.44
N ASP A 125 6.65 -4.48 15.05
CA ASP A 125 6.62 -3.84 16.35
C ASP A 125 7.24 -4.73 17.42
N LEU A 126 6.91 -6.02 17.41
CA LEU A 126 7.42 -6.89 18.48
C LEU A 126 8.93 -7.11 18.35
N LEU A 127 9.44 -7.25 17.12
CA LEU A 127 10.88 -7.41 17.00
C LEU A 127 11.61 -6.08 17.19
N TYR A 128 10.90 -4.96 16.96
CA TYR A 128 11.48 -3.65 17.25
C TYR A 128 11.60 -3.41 18.75
N GLN A 129 10.72 -4.02 19.54
CA GLN A 129 10.79 -3.85 20.99
C GLN A 129 12.08 -4.40 21.59
N LEU A 130 12.67 -5.40 20.94
CA LEU A 130 13.96 -5.94 21.35
C LEU A 130 15.09 -5.40 20.49
N ARG A 131 14.78 -4.45 19.58
CA ARG A 131 15.74 -3.87 18.64
C ARG A 131 16.44 -4.93 17.81
N ALA A 132 15.66 -5.91 17.34
CA ALA A 132 16.22 -6.96 16.50
C ALA A 132 16.46 -6.42 15.08
N PRO A 133 17.48 -6.91 14.39
CA PRO A 133 17.70 -6.47 13.01
C PRO A 133 16.74 -7.15 12.04
N TYR A 134 16.90 -6.82 10.77
CA TYR A 134 16.08 -7.34 9.67
C TYR A 134 14.59 -7.06 9.92
N ARG A 135 14.30 -5.78 10.11
CA ARG A 135 12.94 -5.37 10.44
C ARG A 135 12.00 -5.56 9.27
N VAL A 136 12.40 -5.10 8.07
CA VAL A 136 11.53 -5.16 6.91
C VAL A 136 11.38 -6.59 6.42
N SER A 137 12.42 -7.42 6.59
CA SER A 137 12.44 -8.75 5.99
C SER A 137 11.33 -9.65 6.54
N CYS A 138 11.16 -9.66 7.86
CA CYS A 138 10.11 -10.49 8.46
C CYS A 138 8.73 -10.05 8.02
N SER A 139 8.51 -8.73 7.94
CA SER A 139 7.23 -8.22 7.48
C SER A 139 6.95 -8.63 6.04
N ALA A 140 7.96 -8.55 5.18
CA ALA A 140 7.79 -8.98 3.79
C ALA A 140 7.49 -10.47 3.71
N ILE A 141 8.18 -11.28 4.52
CA ILE A 141 7.97 -12.72 4.51
C ILE A 141 6.53 -13.06 4.92
N ILE A 142 6.08 -12.46 6.02
CA ILE A 142 4.73 -12.78 6.50
C ILE A 142 3.68 -12.22 5.55
N PHE A 143 3.97 -11.10 4.88
CA PHE A 143 3.04 -10.58 3.88
C PHE A 143 2.91 -11.54 2.71
N ALA A 144 4.03 -12.09 2.24
CA ALA A 144 3.98 -13.06 1.15
C ALA A 144 3.24 -14.32 1.57
N ILE A 145 3.48 -14.80 2.79
CA ILE A 145 2.80 -16.00 3.28
C ILE A 145 1.30 -15.77 3.38
N LEU A 146 0.90 -14.59 3.88
CA LEU A 146 -0.52 -14.29 4.00
C LEU A 146 -1.19 -14.16 2.63
N MET A 147 -0.49 -13.55 1.66
CA MET A 147 -1.03 -13.49 0.30
C MET A 147 -1.20 -14.88 -0.29
N SER A 148 -0.21 -15.76 -0.04
CA SER A 148 -0.33 -17.14 -0.48
C SER A 148 -1.52 -17.83 0.17
N GLY A 149 -1.75 -17.56 1.46
CA GLY A 149 -2.90 -18.14 2.13
C GLY A 149 -4.23 -17.66 1.56
N VAL A 150 -4.31 -16.37 1.24
CA VAL A 150 -5.52 -15.82 0.61
C VAL A 150 -5.77 -16.51 -0.72
N LEU A 151 -4.72 -16.67 -1.53
CA LEU A 151 -4.92 -17.27 -2.85
C LEU A 151 -5.24 -18.77 -2.73
N ALA A 152 -4.66 -19.46 -1.74
CA ALA A 152 -5.01 -20.85 -1.50
C ALA A 152 -6.47 -20.99 -1.08
N GLU A 153 -6.94 -20.09 -0.21
CA GLU A 153 -8.36 -20.09 0.15
C GLU A 153 -9.23 -19.78 -1.06
N PHE A 154 -8.74 -18.97 -1.99
CA PHE A 154 -9.47 -18.71 -3.22
C PHE A 154 -9.60 -19.99 -4.05
N TYR A 155 -8.51 -20.75 -4.17
CA TYR A 155 -8.59 -22.02 -4.89
C TYR A 155 -9.44 -23.05 -4.16
N ALA A 156 -9.54 -22.94 -2.83
CA ALA A 156 -10.24 -23.97 -2.06
C ALA A 156 -11.73 -24.00 -2.40
N GLU A 157 -12.34 -22.83 -2.58
CA GLU A 157 -13.78 -22.74 -2.84
C GLU A 157 -14.11 -22.95 -4.32
N GLY A 158 -13.12 -22.86 -5.21
CA GLY A 158 -13.37 -22.90 -6.64
C GLY A 158 -13.73 -24.26 -7.19
N ASP A 159 -13.40 -24.45 -8.48
CA ASP A 159 -13.76 -25.68 -9.17
C ASP A 159 -12.99 -26.86 -8.59
N PRO A 160 -13.68 -27.95 -8.22
CA PRO A 160 -12.97 -29.11 -7.66
C PRO A 160 -11.94 -29.73 -8.58
N ARG A 161 -12.00 -29.48 -9.89
CA ARG A 161 -10.92 -29.92 -10.76
C ARG A 161 -9.63 -29.15 -10.50
N LEU A 162 -9.70 -27.98 -9.86
CA LEU A 162 -8.54 -27.19 -9.50
C LEU A 162 -8.22 -27.28 -8.02
N ARG A 163 -8.71 -28.31 -7.34
CA ARG A 163 -8.48 -28.47 -5.91
C ARG A 163 -7.02 -28.77 -5.59
N ASN A 164 -6.27 -29.30 -6.58
CA ASN A 164 -4.89 -29.69 -6.34
C ASN A 164 -4.00 -28.48 -6.06
N GLY A 165 -4.32 -27.32 -6.63
CA GLY A 165 -3.50 -26.14 -6.40
C GLY A 165 -3.56 -25.64 -4.96
N ALA A 166 -4.67 -25.91 -4.27
CA ALA A 166 -4.79 -25.50 -2.88
C ALA A 166 -3.74 -26.18 -2.02
N TYR A 167 -3.51 -27.48 -2.23
CA TYR A 167 -2.47 -28.19 -1.48
C TYR A 167 -1.08 -27.69 -1.83
N ALA A 168 -0.84 -27.32 -3.09
CA ALA A 168 0.46 -26.78 -3.47
C ALA A 168 0.73 -25.45 -2.78
N TRP A 169 -0.27 -24.57 -2.76
CA TRP A 169 -0.08 -23.30 -2.06
C TRP A 169 -0.02 -23.50 -0.54
N TYR A 170 -0.70 -24.52 -0.02
CA TYR A 170 -0.52 -24.90 1.37
C TYR A 170 0.92 -25.28 1.68
N GLY A 171 1.52 -26.11 0.82
CA GLY A 171 2.92 -26.47 1.01
C GLY A 171 3.85 -25.28 0.91
N PHE A 172 3.58 -24.39 -0.05
CA PHE A 172 4.37 -23.16 -0.19
C PHE A 172 4.30 -22.32 1.08
N GLY A 173 3.09 -22.04 1.55
CA GLY A 173 2.91 -21.22 2.74
C GLY A 173 3.52 -21.85 3.97
N CYS A 174 3.36 -23.17 4.13
CA CYS A 174 3.94 -23.86 5.28
C CYS A 174 5.45 -23.84 5.24
N PHE A 175 6.05 -24.02 4.06
CA PHE A 175 7.50 -24.01 3.96
C PHE A 175 8.06 -22.64 4.32
N TRP A 176 7.47 -21.58 3.75
CA TRP A 176 7.95 -20.24 4.10
C TRP A 176 7.64 -19.88 5.54
N PHE A 177 6.53 -20.38 6.10
CA PHE A 177 6.22 -20.11 7.49
C PHE A 177 7.20 -20.80 8.43
N ILE A 178 7.60 -22.03 8.09
CA ILE A 178 8.61 -22.75 8.88
C ILE A 178 9.93 -22.00 8.82
N PHE A 179 10.32 -21.53 7.62
CA PHE A 179 11.55 -20.76 7.50
C PHE A 179 11.49 -19.48 8.33
N ALA A 180 10.37 -18.76 8.25
CA ALA A 180 10.22 -17.51 9.00
C ALA A 180 10.24 -17.76 10.50
N TYR A 181 9.54 -18.80 10.95
CA TYR A 181 9.52 -19.13 12.37
C TYR A 181 10.90 -19.49 12.88
N SER A 182 11.64 -20.29 12.10
CA SER A 182 12.99 -20.67 12.51
C SER A 182 13.90 -19.45 12.60
N ILE A 183 13.87 -18.58 11.59
CA ILE A 183 14.79 -17.44 11.59
C ILE A 183 14.41 -16.44 12.68
N VAL A 184 13.10 -16.24 12.93
CA VAL A 184 12.71 -15.28 13.96
C VAL A 184 13.03 -15.83 15.34
N MET A 185 12.87 -17.15 15.54
CA MET A 185 13.23 -17.75 16.82
C MET A 185 14.73 -17.62 17.06
N SER A 186 15.53 -17.86 16.01
CA SER A 186 16.98 -17.75 16.13
C SER A 186 17.40 -16.33 16.48
N ILE A 187 16.88 -15.34 15.76
CA ILE A 187 17.31 -13.97 16.01
C ILE A 187 16.82 -13.49 17.37
N VAL A 188 15.62 -13.89 17.79
CA VAL A 188 15.12 -13.50 19.11
C VAL A 188 15.98 -14.13 20.21
N ALA A 189 16.33 -15.40 20.05
CA ALA A 189 17.16 -16.07 21.05
C ALA A 189 18.53 -15.41 21.14
N LYS A 190 19.18 -15.14 20.00
CA LYS A 190 20.49 -14.51 20.03
C LYS A 190 20.42 -13.10 20.63
N GLN A 191 19.40 -12.32 20.24
CA GLN A 191 19.28 -10.96 20.73
C GLN A 191 19.04 -10.93 22.24
N TYR A 192 18.17 -11.81 22.73
CA TYR A 192 17.88 -11.76 24.16
C TYR A 192 19.02 -12.39 24.96
N SER A 193 19.79 -13.31 24.35
CA SER A 193 21.00 -13.78 25.00
C SER A 193 22.01 -12.66 25.17
N ARG A 194 22.17 -11.84 24.12
CA ARG A 194 23.06 -10.69 24.24
C ARG A 194 22.54 -9.69 25.27
N LEU A 195 21.21 -9.50 25.32
CA LEU A 195 20.63 -8.62 26.34
C LEU A 195 20.90 -9.15 27.75
N ALA A 196 20.72 -10.45 27.95
CA ALA A 196 20.93 -11.05 29.26
C ALA A 196 22.39 -10.96 29.69
N GLN A 197 23.32 -11.21 28.77
CA GLN A 197 24.73 -11.04 29.12
C GLN A 197 25.12 -9.58 29.23
N LEU A 198 24.30 -8.66 28.74
CA LEU A 198 24.49 -7.24 28.97
C LEU A 198 23.57 -6.69 30.06
N ALA A 199 22.81 -7.54 30.74
CA ALA A 199 21.90 -7.14 31.80
C ALA A 199 22.55 -7.31 33.17
N GLN A 200 23.40 -6.37 33.56
CA GLN A 200 24.06 -6.42 34.84
C GLN A 200 23.58 -5.27 35.72
N ASP A 201 23.22 -5.60 36.96
CA ASP A 201 22.73 -4.63 37.96
C ASP A 201 21.49 -3.88 37.44
N THR A 202 20.50 -4.64 36.99
CA THR A 202 19.31 -4.07 36.38
C THR A 202 18.28 -3.61 37.40
N GLY A 203 18.05 -4.39 38.45
CA GLY A 203 17.03 -4.06 39.44
C GLY A 203 15.61 -4.38 39.00
N ALA A 204 15.44 -4.97 37.82
CA ALA A 204 14.13 -5.35 37.31
C ALA A 204 14.12 -6.79 36.83
N GLU A 205 14.69 -7.70 37.62
CA GLU A 205 14.79 -9.10 37.22
C GLU A 205 13.41 -9.75 37.11
N HIS A 206 12.51 -9.43 38.05
CA HIS A 206 11.15 -9.94 37.96
C HIS A 206 10.44 -9.36 36.75
N SER A 207 10.63 -8.06 36.49
CA SER A 207 10.12 -7.46 35.27
C SER A 207 10.78 -8.07 34.04
N LEU A 208 12.07 -8.40 34.14
CA LEU A 208 12.75 -9.09 33.06
C LEU A 208 12.14 -10.47 32.81
N HIS A 209 11.79 -11.18 33.88
CA HIS A 209 11.12 -12.47 33.73
C HIS A 209 9.75 -12.31 33.07
N VAL A 210 9.00 -11.27 33.45
CA VAL A 210 7.69 -11.02 32.86
C VAL A 210 7.83 -10.76 31.36
N LEU A 211 8.79 -9.91 30.99
CA LEU A 211 8.93 -9.58 29.57
C LEU A 211 9.46 -10.76 28.76
N LYS A 212 10.38 -11.56 29.32
CA LYS A 212 10.86 -12.72 28.57
C LYS A 212 9.74 -13.74 28.38
N PHE A 213 8.93 -13.96 29.41
CA PHE A 213 7.80 -14.88 29.28
C PHE A 213 6.82 -14.39 28.23
N ALA A 214 6.53 -13.08 28.24
CA ALA A 214 5.62 -12.51 27.26
C ALA A 214 6.16 -12.68 25.84
N VAL A 215 7.44 -12.36 25.62
CA VAL A 215 7.96 -12.39 24.26
C VAL A 215 8.12 -13.82 23.77
N PHE A 216 8.47 -14.77 24.65
CA PHE A 216 8.56 -16.16 24.22
C PHE A 216 7.19 -16.72 23.86
N THR A 217 6.18 -16.45 24.69
CA THR A 217 4.83 -16.89 24.36
C THR A 217 4.34 -16.24 23.07
N PHE A 218 4.66 -14.96 22.88
CA PHE A 218 4.23 -14.26 21.68
C PHE A 218 4.93 -14.79 20.44
N SER A 219 6.19 -15.21 20.58
CA SER A 219 6.89 -15.84 19.47
C SER A 219 6.32 -17.21 19.14
N MET A 220 5.89 -17.97 20.15
CA MET A 220 5.41 -19.32 19.88
C MET A 220 3.91 -19.40 19.61
N LEU A 221 3.18 -18.29 19.70
CA LEU A 221 1.74 -18.36 19.48
C LEU A 221 1.37 -18.69 18.03
N TRP A 222 2.21 -18.37 17.05
CA TRP A 222 1.78 -18.57 15.65
C TRP A 222 1.67 -20.04 15.25
N ILE A 223 1.81 -20.99 16.16
CA ILE A 223 1.63 -22.40 15.83
C ILE A 223 0.15 -22.70 15.63
N LEU A 224 -0.71 -21.72 15.94
CA LEU A 224 -2.14 -21.91 15.78
C LEU A 224 -2.56 -21.98 14.31
N PHE A 225 -1.94 -21.15 13.46
CA PHE A 225 -2.39 -21.02 12.08
C PHE A 225 -2.38 -22.32 11.28
N PRO A 226 -1.26 -23.07 11.20
CA PRO A 226 -1.33 -24.30 10.38
C PRO A 226 -2.16 -25.39 11.02
N LEU A 227 -2.18 -25.47 12.36
CA LEU A 227 -3.05 -26.44 13.03
C LEU A 227 -4.52 -26.12 12.76
N VAL A 228 -4.89 -24.85 12.85
CA VAL A 228 -6.27 -24.45 12.58
C VAL A 228 -6.64 -24.73 11.14
N TRP A 229 -5.73 -24.43 10.20
CA TRP A 229 -6.01 -24.72 8.81
C TRP A 229 -6.13 -26.21 8.55
N ALA A 230 -5.35 -27.04 9.25
CA ALA A 230 -5.40 -28.48 9.05
C ALA A 230 -6.67 -29.08 9.63
N ILE A 231 -7.11 -28.62 10.80
CA ILE A 231 -8.28 -29.23 11.43
C ILE A 231 -9.59 -28.80 10.76
N CYS A 232 -9.64 -27.64 10.12
CA CYS A 232 -10.85 -27.21 9.44
C CYS A 232 -11.01 -28.01 8.14
N PRO A 233 -12.22 -28.03 7.56
CA PRO A 233 -12.44 -28.85 6.35
C PRO A 233 -11.54 -28.51 5.17
N ARG A 234 -10.83 -27.39 5.20
CA ARG A 234 -9.85 -27.12 4.15
C ARG A 234 -8.70 -28.13 4.19
N GLY A 235 -8.40 -28.68 5.37
CA GLY A 235 -7.34 -29.65 5.50
C GLY A 235 -7.84 -31.05 5.82
N PHE A 236 -7.44 -31.56 6.99
CA PHE A 236 -7.88 -32.90 7.39
C PHE A 236 -9.37 -32.92 7.76
N GLY A 237 -9.93 -31.77 8.11
CA GLY A 237 -11.34 -31.69 8.42
C GLY A 237 -11.79 -32.42 9.66
N TRP A 238 -11.02 -32.34 10.74
CA TRP A 238 -11.45 -32.95 12.00
C TRP A 238 -12.50 -32.14 12.72
N ILE A 239 -12.74 -30.89 12.31
CA ILE A 239 -13.79 -30.06 12.89
C ILE A 239 -14.67 -29.54 11.76
N ASP A 240 -15.84 -29.04 12.14
CA ASP A 240 -16.79 -28.50 11.18
C ASP A 240 -16.59 -27.00 11.02
N ASP A 241 -17.32 -26.42 10.06
CA ASP A 241 -17.14 -25.01 9.72
C ASP A 241 -17.61 -24.10 10.84
N ASN A 242 -18.69 -24.48 11.53
CA ASN A 242 -19.29 -23.58 12.52
C ASN A 242 -18.38 -23.33 13.71
N TRP A 243 -17.50 -24.28 14.04
CA TRP A 243 -16.57 -24.11 15.15
C TRP A 243 -15.24 -23.51 14.72
N THR A 244 -15.07 -23.18 13.44
CA THR A 244 -13.84 -22.53 13.00
C THR A 244 -13.82 -21.05 13.36
N GLU A 245 -14.99 -20.40 13.30
CA GLU A 245 -15.05 -18.96 13.57
C GLU A 245 -14.66 -18.66 15.01
N VAL A 246 -15.14 -19.45 15.96
CA VAL A 246 -14.80 -19.23 17.36
C VAL A 246 -13.30 -19.46 17.57
N ALA A 247 -12.72 -20.42 16.85
CA ALA A 247 -11.29 -20.66 16.94
C ALA A 247 -10.50 -19.46 16.44
N HIS A 248 -10.92 -18.90 15.30
CA HIS A 248 -10.23 -17.73 14.78
C HIS A 248 -10.39 -16.52 15.71
N CYS A 249 -11.57 -16.40 16.33
CA CYS A 249 -11.77 -15.31 17.29
C CYS A 249 -10.84 -15.43 18.50
N VAL A 250 -10.77 -16.62 19.11
CA VAL A 250 -9.91 -16.75 20.27
C VAL A 250 -8.44 -16.59 19.87
N CYS A 251 -8.06 -17.07 18.68
CA CYS A 251 -6.67 -16.95 18.26
C CYS A 251 -6.27 -15.50 18.00
N ASP A 252 -7.08 -14.74 17.25
CA ASP A 252 -6.65 -13.36 17.01
C ASP A 252 -6.86 -12.47 18.23
N ILE A 253 -7.75 -12.84 19.16
CA ILE A 253 -7.79 -12.13 20.44
C ILE A 253 -6.51 -12.35 21.22
N VAL A 254 -6.03 -13.60 21.27
CA VAL A 254 -4.74 -13.86 21.92
C VAL A 254 -3.62 -13.12 21.20
N ALA A 255 -3.71 -13.02 19.88
CA ALA A 255 -2.67 -12.33 19.10
C ALA A 255 -2.65 -10.84 19.39
N LYS A 256 -3.80 -10.20 19.52
CA LYS A 256 -3.88 -8.74 19.58
C LYS A 256 -4.12 -8.19 20.97
N SER A 257 -5.19 -8.61 21.66
CA SER A 257 -5.54 -8.02 22.94
C SER A 257 -4.51 -8.38 24.01
N CYS A 258 -4.03 -9.62 24.00
CA CYS A 258 -2.98 -10.01 24.95
C CYS A 258 -1.69 -9.26 24.67
N TYR A 259 -1.39 -9.02 23.39
CA TYR A 259 -0.22 -8.21 23.03
C TYR A 259 -0.35 -6.80 23.59
N GLY A 260 -1.52 -6.19 23.42
CA GLY A 260 -1.73 -4.85 23.94
C GLY A 260 -1.64 -4.79 25.45
N PHE A 261 -2.25 -5.78 26.13
CA PHE A 261 -2.18 -5.83 27.59
C PHE A 261 -0.74 -6.02 28.08
N ALA A 262 0.02 -6.88 27.41
CA ALA A 262 1.41 -7.11 27.80
C ALA A 262 2.25 -5.85 27.61
N LEU A 263 2.06 -5.15 26.49
CA LEU A 263 2.79 -3.91 26.26
C LEU A 263 2.40 -2.85 27.27
N ALA A 264 1.12 -2.76 27.60
CA ALA A 264 0.66 -1.80 28.59
C ALA A 264 1.25 -2.08 29.97
N ARG A 265 1.29 -3.36 30.36
CA ARG A 265 1.86 -3.72 31.65
C ARG A 265 3.38 -3.51 31.65
N PHE A 266 4.02 -3.70 30.51
CA PHE A 266 5.46 -3.46 30.43
C PHE A 266 5.78 -1.97 30.54
N ARG A 267 4.97 -1.11 29.92
CA ARG A 267 5.27 0.32 29.94
C ARG A 267 5.03 0.96 31.30
N LYS A 268 4.27 0.32 32.18
CA LYS A 268 4.04 0.86 33.52
C LYS A 268 5.03 0.33 34.54
N THR A 269 6.02 -0.47 34.12
CA THR A 269 6.98 -1.06 35.03
C THR A 269 8.43 -0.94 34.58
N TYR A 270 8.69 -0.49 33.36
CA TYR A 270 10.07 -0.40 32.90
C TYR A 270 10.75 0.84 33.48
N ASP A 271 12.07 0.77 33.55
CA ASP A 271 12.90 1.87 34.03
C ASP A 271 13.90 2.29 32.93
N GLU A 272 14.68 3.31 33.24
CA GLU A 272 15.42 4.05 32.24
C GLU A 272 16.79 3.44 31.89
N GLU A 273 17.46 2.81 32.85
CA GLU A 273 18.77 2.24 32.55
C GLU A 273 18.65 1.05 31.59
N LEU A 274 17.64 0.20 31.80
CA LEU A 274 17.40 -0.85 30.82
C LEU A 274 17.02 -0.28 29.46
N PHE A 275 16.31 0.86 29.45
CA PHE A 275 15.98 1.53 28.20
C PHE A 275 17.25 1.93 27.44
N ARG A 276 18.18 2.63 28.11
CA ARG A 276 19.39 3.05 27.44
C ARG A 276 20.28 1.87 27.08
N LEU A 277 20.21 0.76 27.85
CA LEU A 277 20.90 -0.45 27.43
C LEU A 277 20.27 -1.07 26.18
N LEU A 278 18.96 -0.94 26.01
CA LEU A 278 18.35 -1.36 24.73
C LEU A 278 18.84 -0.50 23.57
N GLU A 279 18.96 0.82 23.77
CA GLU A 279 19.57 1.62 22.69
C GLU A 279 21.02 1.24 22.45
N GLN A 280 21.77 0.89 23.51
CA GLN A 280 23.14 0.41 23.32
C GLN A 280 23.16 -0.90 22.55
N LEU A 281 22.20 -1.79 22.83
CA LEU A 281 22.10 -3.07 22.14
C LEU A 281 21.80 -2.88 20.66
N GLY A 282 20.98 -1.89 20.33
CA GLY A 282 20.63 -1.66 18.94
C GLY A 282 21.71 -0.95 18.15
N HIS A 283 22.96 -1.34 18.35
CA HIS A 283 24.11 -0.80 17.63
C HIS A 283 24.84 -1.85 16.82
N ASP A 284 25.22 -2.97 17.44
CA ASP A 284 25.93 -4.04 16.75
C ASP A 284 25.13 -5.34 16.78
N HIS B 2 -29.61 -13.29 -9.10
CA HIS B 2 -29.06 -12.01 -8.65
C HIS B 2 -29.54 -11.68 -7.24
N ALA B 3 -30.85 -11.46 -7.10
CA ALA B 3 -31.44 -11.16 -5.81
C ALA B 3 -32.63 -12.08 -5.56
N PRO B 4 -32.78 -12.60 -4.34
CA PRO B 4 -33.89 -13.51 -4.06
C PRO B 4 -35.22 -12.76 -4.01
N GLY B 5 -36.24 -13.36 -4.63
CA GLY B 5 -37.58 -12.84 -4.60
C GLY B 5 -37.86 -11.67 -5.53
N THR B 6 -36.83 -10.99 -6.04
CA THR B 6 -37.01 -9.86 -6.93
C THR B 6 -36.29 -10.11 -8.23
N ASP B 7 -36.95 -9.78 -9.34
CA ASP B 7 -36.35 -9.92 -10.66
C ASP B 7 -35.36 -8.82 -10.99
N GLN B 8 -35.33 -7.74 -10.21
CA GLN B 8 -34.38 -6.65 -10.43
C GLN B 8 -32.97 -7.13 -10.13
N MET B 9 -32.00 -6.55 -10.84
CA MET B 9 -30.60 -6.87 -10.64
C MET B 9 -29.82 -5.59 -10.36
N PHE B 10 -28.72 -5.73 -9.63
CA PHE B 10 -27.88 -4.61 -9.24
C PHE B 10 -26.59 -4.63 -10.04
N TYR B 11 -26.28 -3.50 -10.66
CA TYR B 11 -25.16 -3.39 -11.58
C TYR B 11 -23.87 -2.91 -10.91
N VAL B 12 -23.90 -2.69 -9.59
CA VAL B 12 -22.74 -2.14 -8.90
C VAL B 12 -21.64 -3.19 -8.79
N GLY B 13 -20.40 -2.77 -9.07
CA GLY B 13 -19.26 -3.66 -8.90
C GLY B 13 -19.16 -4.76 -9.92
N THR B 14 -19.83 -4.64 -11.06
CA THR B 14 -19.83 -5.67 -12.08
C THR B 14 -19.48 -5.07 -13.42
N MET B 15 -18.97 -5.93 -14.31
CA MET B 15 -18.72 -5.52 -15.69
C MET B 15 -20.02 -5.26 -16.46
N ASP B 16 -21.14 -5.82 -15.99
CA ASP B 16 -22.42 -5.57 -16.65
C ASP B 16 -22.81 -4.10 -16.54
N GLY B 17 -22.64 -3.51 -15.34
CA GLY B 17 -22.85 -2.08 -15.20
C GLY B 17 -21.75 -1.24 -15.80
N TRP B 18 -20.58 -1.84 -16.04
CA TRP B 18 -19.49 -1.12 -16.67
C TRP B 18 -19.84 -0.72 -18.10
N TYR B 19 -20.48 -1.63 -18.84
CA TYR B 19 -20.82 -1.38 -20.24
C TYR B 19 -22.10 -0.59 -20.40
N LEU B 20 -22.78 -0.23 -19.31
CA LEU B 20 -24.00 0.55 -19.40
C LEU B 20 -23.69 1.97 -19.86
N ASP B 21 -24.69 2.61 -20.45
CA ASP B 21 -24.55 3.99 -20.89
C ASP B 21 -24.49 4.93 -19.68
N THR B 22 -23.91 6.11 -19.90
CA THR B 22 -23.72 7.06 -18.82
C THR B 22 -25.06 7.60 -18.32
N LYS B 23 -25.09 7.96 -17.03
CA LYS B 23 -26.25 8.60 -16.43
C LYS B 23 -26.04 10.09 -16.20
N LEU B 24 -24.92 10.63 -16.68
CA LEU B 24 -24.60 12.04 -16.50
C LEU B 24 -25.18 12.88 -17.62
N ASN B 25 -25.17 14.19 -17.43
CA ASN B 25 -25.65 15.15 -18.41
C ASN B 25 -24.52 16.08 -18.82
N SER B 26 -24.88 17.11 -19.60
CA SER B 26 -23.86 17.98 -20.20
C SER B 26 -23.11 18.77 -19.15
N VAL B 27 -23.81 19.30 -18.15
CA VAL B 27 -23.16 20.15 -17.15
C VAL B 27 -22.18 19.36 -16.30
N ALA B 28 -22.48 18.10 -16.01
CA ALA B 28 -21.53 17.26 -15.27
C ALA B 28 -20.26 17.03 -16.07
N ILE B 29 -20.40 16.78 -17.38
CA ILE B 29 -19.24 16.59 -18.24
C ILE B 29 -18.41 17.87 -18.32
N GLY B 30 -19.07 19.02 -18.45
CA GLY B 30 -18.36 20.28 -18.48
C GLY B 30 -17.63 20.59 -17.18
N ALA B 31 -18.26 20.28 -16.04
CA ALA B 31 -17.61 20.46 -14.76
C ALA B 31 -16.41 19.54 -14.61
N HIS B 32 -16.54 18.29 -15.06
CA HIS B 32 -15.41 17.37 -15.03
C HIS B 32 -14.27 17.87 -15.89
N TRP B 33 -14.58 18.40 -17.08
CA TRP B 33 -13.56 18.95 -17.96
C TRP B 33 -12.85 20.14 -17.31
N SER B 34 -13.63 21.05 -16.73
CA SER B 34 -13.03 22.22 -16.09
C SER B 34 -12.16 21.83 -14.90
N CYS B 35 -12.64 20.89 -14.08
CA CYS B 35 -11.88 20.45 -12.92
C CYS B 35 -10.59 19.76 -13.34
N PHE B 36 -10.66 18.92 -14.38
CA PHE B 36 -9.46 18.26 -14.87
C PHE B 36 -8.47 19.28 -15.42
N ILE B 37 -8.96 20.30 -16.14
CA ILE B 37 -8.08 21.31 -16.73
C ILE B 37 -7.37 22.08 -15.62
N VAL B 38 -8.12 22.51 -14.60
CA VAL B 38 -7.49 23.31 -13.55
C VAL B 38 -6.55 22.45 -12.70
N LEU B 39 -6.90 21.18 -12.48
CA LEU B 39 -5.99 20.29 -11.76
C LEU B 39 -4.69 20.10 -12.55
N THR B 40 -4.80 19.92 -13.86
CA THR B 40 -3.62 19.72 -14.69
C THR B 40 -2.74 20.97 -14.69
N ILE B 41 -3.35 22.16 -14.80
CA ILE B 41 -2.54 23.37 -14.85
C ILE B 41 -1.91 23.67 -13.49
N THR B 42 -2.61 23.36 -12.38
CA THR B 42 -2.00 23.52 -11.06
C THR B 42 -0.86 22.54 -10.86
N THR B 43 -1.02 21.30 -11.33
CA THR B 43 0.07 20.33 -11.24
C THR B 43 1.28 20.78 -12.05
N PHE B 44 1.04 21.30 -13.26
CA PHE B 44 2.14 21.78 -14.09
C PHE B 44 2.84 22.97 -13.44
N TYR B 45 2.07 23.91 -12.89
CA TYR B 45 2.66 25.08 -12.24
C TYR B 45 3.47 24.67 -11.02
N LEU B 46 2.93 23.76 -10.20
CA LEU B 46 3.63 23.36 -8.99
C LEU B 46 4.87 22.54 -9.32
N GLY B 47 4.83 21.74 -10.39
CA GLY B 47 6.02 21.04 -10.83
C GLY B 47 7.07 21.98 -11.37
N TYR B 48 6.66 23.02 -12.09
CA TYR B 48 7.59 24.04 -12.56
C TYR B 48 8.26 24.75 -11.39
N GLU B 49 7.49 25.07 -10.35
CA GLU B 49 8.09 25.66 -9.16
C GLU B 49 9.00 24.67 -8.45
N SER B 50 8.65 23.39 -8.47
CA SER B 50 9.47 22.37 -7.80
C SER B 50 10.81 22.20 -8.50
N TRP B 51 10.82 22.28 -9.83
CA TRP B 51 12.09 22.19 -10.55
C TRP B 51 12.99 23.38 -10.24
N THR B 52 12.42 24.58 -10.24
CA THR B 52 13.14 25.79 -9.85
C THR B 52 12.93 26.11 -8.36
N SER B 53 13.17 25.12 -7.50
CA SER B 53 12.96 25.28 -6.06
C SER B 53 14.32 25.32 -5.39
N ARG B 54 14.73 26.52 -4.97
CA ARG B 54 15.97 26.69 -4.24
C ARG B 54 15.69 26.53 -2.75
N GLY B 55 16.77 26.34 -1.98
CA GLY B 55 16.65 26.20 -0.55
C GLY B 55 16.35 27.52 0.13
N PRO B 56 16.16 27.49 1.45
CA PRO B 56 15.96 28.76 2.18
C PRO B 56 17.14 29.70 2.06
N SER B 57 18.36 29.19 2.02
CA SER B 57 19.54 30.01 1.80
C SER B 57 19.70 30.43 0.35
N LYS B 58 18.89 29.87 -0.56
CA LYS B 58 18.86 30.20 -1.99
C LYS B 58 20.19 29.90 -2.68
N ARG B 59 20.99 29.01 -2.10
CA ARG B 59 22.20 28.51 -2.76
C ARG B 59 22.18 27.00 -2.95
N THR B 60 21.44 26.27 -2.15
CA THR B 60 21.26 24.84 -2.37
C THR B 60 20.42 24.63 -3.62
N SER B 61 20.98 23.93 -4.61
CA SER B 61 20.32 23.81 -5.91
C SER B 61 19.11 22.89 -5.85
N PHE B 62 19.34 21.61 -5.57
CA PHE B 62 18.24 20.64 -5.50
C PHE B 62 17.83 20.38 -4.06
N TYR B 63 17.29 21.44 -3.44
CA TYR B 63 16.78 21.31 -2.08
C TYR B 63 15.58 20.35 -2.04
N ALA B 64 14.70 20.43 -3.04
CA ALA B 64 13.58 19.51 -3.11
C ALA B 64 14.03 18.09 -3.41
N GLY B 65 15.22 17.93 -4.00
CA GLY B 65 15.72 16.60 -4.28
C GLY B 65 16.07 15.80 -3.05
N TYR B 66 16.38 16.46 -1.94
CA TYR B 66 16.68 15.81 -0.68
C TYR B 66 15.54 15.93 0.33
N GLN B 67 15.01 17.13 0.52
CA GLN B 67 13.79 17.33 1.30
C GLN B 67 12.59 17.09 0.39
N GLU B 68 12.40 15.81 0.06
CA GLU B 68 11.39 15.42 -0.92
C GLU B 68 9.96 15.61 -0.40
N GLU B 69 9.79 15.68 0.92
CA GLU B 69 8.46 15.91 1.49
C GLU B 69 7.90 17.25 1.07
N GLN B 70 8.77 18.21 0.72
CA GLN B 70 8.31 19.48 0.18
C GLN B 70 7.50 19.29 -1.10
N ASN B 71 7.83 18.27 -1.88
CA ASN B 71 7.08 17.96 -3.09
C ASN B 71 5.85 17.09 -2.82
N LEU B 72 5.62 16.71 -1.55
CA LEU B 72 4.61 15.71 -1.23
C LEU B 72 3.23 16.11 -1.72
N ALA B 73 2.83 17.36 -1.45
CA ALA B 73 1.54 17.86 -1.90
C ALA B 73 1.39 17.72 -3.41
N LEU B 74 2.47 18.03 -4.15
CA LEU B 74 2.57 17.77 -5.58
C LEU B 74 1.96 16.43 -5.96
N PHE B 75 2.49 15.36 -5.34
CA PHE B 75 2.03 14.01 -5.67
C PHE B 75 0.54 13.88 -5.49
N VAL B 76 0.02 14.39 -4.36
CA VAL B 76 -1.41 14.33 -4.10
C VAL B 76 -2.16 15.04 -5.22
N ASN B 77 -1.75 16.28 -5.54
CA ASN B 77 -2.39 17.02 -6.62
C ASN B 77 -2.25 16.26 -7.92
N PHE B 78 -1.07 15.68 -8.16
CA PHE B 78 -0.84 14.88 -9.34
C PHE B 78 -1.87 13.76 -9.43
N PHE B 79 -2.03 13.02 -8.32
CA PHE B 79 -2.96 11.91 -8.33
C PHE B 79 -4.39 12.40 -8.55
N ALA B 80 -4.69 13.60 -8.03
CA ALA B 80 -6.01 14.18 -8.25
C ALA B 80 -6.30 14.33 -9.73
N MET B 81 -5.30 14.77 -10.51
CA MET B 81 -5.48 14.86 -11.95
C MET B 81 -5.81 13.49 -12.52
N LEU B 82 -5.03 12.47 -12.13
CA LEU B 82 -5.33 11.12 -12.56
C LEU B 82 -6.71 10.70 -12.07
N SER B 83 -7.06 11.11 -10.84
CA SER B 83 -8.33 10.76 -10.25
C SER B 83 -9.50 11.24 -11.08
N TYR B 84 -9.29 12.24 -11.94
CA TYR B 84 -10.38 12.66 -12.81
C TYR B 84 -10.17 12.27 -14.27
N PHE B 85 -8.93 11.96 -14.66
CA PHE B 85 -8.62 11.82 -16.08
C PHE B 85 -9.41 10.68 -16.71
N GLY B 86 -9.47 9.54 -16.02
CA GLY B 86 -10.26 8.42 -16.51
C GLY B 86 -11.72 8.78 -16.69
N LYS B 87 -12.26 9.60 -15.77
CA LYS B 87 -13.64 10.06 -15.90
C LYS B 87 -13.82 10.84 -17.19
N ILE B 88 -12.82 11.65 -17.55
CA ILE B 88 -12.86 12.36 -18.83
C ILE B 88 -12.97 11.37 -19.97
N VAL B 89 -12.23 10.26 -19.88
CA VAL B 89 -12.34 9.20 -20.88
C VAL B 89 -13.77 8.68 -20.92
N ALA B 90 -14.38 8.47 -19.75
CA ALA B 90 -15.79 8.10 -19.70
C ALA B 90 -16.65 9.18 -20.33
N ASP B 91 -16.34 10.45 -20.06
CA ASP B 91 -17.07 11.55 -20.68
C ASP B 91 -16.87 11.56 -22.19
N THR B 92 -15.77 10.97 -22.67
CA THR B 92 -15.59 10.81 -24.10
C THR B 92 -16.46 9.69 -24.65
N LEU B 93 -16.63 8.61 -23.89
CA LEU B 93 -17.27 7.41 -24.42
C LEU B 93 -18.76 7.33 -24.11
N GLY B 94 -19.27 8.16 -23.20
CA GLY B 94 -20.69 8.14 -22.91
C GLY B 94 -21.20 6.89 -22.23
N HIS B 95 -20.34 6.17 -21.51
CA HIS B 95 -20.72 4.96 -20.80
C HIS B 95 -20.72 5.22 -19.30
N ASN B 96 -21.40 4.34 -18.57
CA ASN B 96 -21.55 4.50 -17.14
C ASN B 96 -20.21 4.32 -16.43
N PHE B 97 -19.96 5.19 -15.44
CA PHE B 97 -18.72 5.14 -14.68
C PHE B 97 -18.92 5.27 -13.18
N GLY B 98 -20.16 5.44 -12.72
CA GLY B 98 -20.41 5.63 -11.30
C GLY B 98 -20.48 4.34 -10.51
N ASP B 99 -19.43 4.06 -9.73
CA ASP B 99 -19.38 2.91 -8.82
C ASP B 99 -19.58 1.59 -9.56
N VAL B 100 -18.98 1.48 -10.75
CA VAL B 100 -19.07 0.27 -11.56
C VAL B 100 -17.66 -0.15 -11.95
N GLY B 101 -17.56 -1.33 -12.56
CA GLY B 101 -16.30 -1.86 -12.98
C GLY B 101 -15.49 -2.42 -11.84
N PRO B 102 -14.24 -2.81 -12.11
CA PRO B 102 -13.39 -3.34 -11.04
C PRO B 102 -13.01 -2.26 -10.04
N PHE B 103 -12.73 -2.69 -8.82
CA PHE B 103 -12.37 -1.79 -7.73
C PHE B 103 -10.85 -1.77 -7.61
N ILE B 104 -10.27 -0.58 -7.76
CA ILE B 104 -8.82 -0.38 -7.64
C ILE B 104 -8.57 0.77 -6.67
N ILE B 105 -7.60 0.57 -5.77
CA ILE B 105 -7.35 1.53 -4.72
C ILE B 105 -6.67 2.77 -5.29
N GLY B 106 -7.19 3.95 -4.93
CA GLY B 106 -6.59 5.20 -5.32
C GLY B 106 -7.11 5.80 -6.60
N PHE B 107 -8.10 5.18 -7.25
CA PHE B 107 -8.65 5.69 -8.50
C PHE B 107 -10.03 6.29 -8.28
N GLY B 108 -10.42 7.14 -9.21
CA GLY B 108 -11.69 7.83 -9.19
C GLY B 108 -12.86 7.06 -9.78
N ASN B 109 -12.69 5.76 -10.07
CA ASN B 109 -13.79 4.96 -10.57
C ASN B 109 -14.87 4.79 -9.51
N TYR B 110 -14.52 4.92 -8.24
CA TYR B 110 -15.47 4.91 -7.15
C TYR B 110 -15.43 6.25 -6.44
N ARG B 111 -16.55 6.60 -5.79
CA ARG B 111 -16.76 7.97 -5.35
C ARG B 111 -15.75 8.40 -4.28
N TYR B 112 -15.50 7.53 -3.30
CA TYR B 112 -14.60 7.89 -2.20
C TYR B 112 -13.25 7.18 -2.27
N ALA B 113 -13.11 6.17 -3.13
CA ALA B 113 -11.86 5.43 -3.21
C ALA B 113 -10.72 6.24 -3.82
N ASP B 114 -11.02 7.39 -4.43
CA ASP B 114 -9.96 8.20 -5.02
C ASP B 114 -9.10 8.85 -3.95
N TYR B 115 -9.62 8.99 -2.74
CA TYR B 115 -8.95 9.74 -1.69
C TYR B 115 -7.96 8.90 -0.88
N MET B 116 -7.82 7.62 -1.21
CA MET B 116 -6.94 6.71 -0.46
C MET B 116 -5.52 7.23 -0.40
N LEU B 117 -4.97 7.64 -1.55
CA LEU B 117 -3.61 8.12 -1.62
C LEU B 117 -3.51 9.64 -1.52
N THR B 118 -4.63 10.35 -1.41
CA THR B 118 -4.60 11.81 -1.38
C THR B 118 -4.81 12.36 0.02
N CYS B 119 -5.92 11.98 0.67
CA CYS B 119 -6.30 12.63 1.93
C CYS B 119 -5.31 12.38 3.07
N PRO B 120 -4.87 11.15 3.38
CA PRO B 120 -3.91 11.00 4.48
C PRO B 120 -2.59 11.71 4.22
N MET B 121 -2.09 11.65 2.98
CA MET B 121 -0.85 12.36 2.67
C MET B 121 -1.05 13.87 2.77
N LEU B 122 -2.21 14.37 2.36
CA LEU B 122 -2.49 15.80 2.44
C LEU B 122 -2.54 16.27 3.89
N VAL B 123 -3.25 15.53 4.75
CA VAL B 123 -3.34 15.94 6.15
C VAL B 123 -1.99 15.80 6.84
N TYR B 124 -1.22 14.77 6.49
CA TYR B 124 0.13 14.61 7.05
C TYR B 124 1.03 15.77 6.64
N ASP B 125 0.93 16.19 5.38
CA ASP B 125 1.74 17.31 4.91
C ASP B 125 1.35 18.61 5.62
N LEU B 126 0.04 18.86 5.78
CA LEU B 126 -0.36 20.13 6.38
C LEU B 126 -0.02 20.18 7.87
N LEU B 127 -0.17 19.07 8.59
CA LEU B 127 0.22 19.10 10.00
C LEU B 127 1.73 19.06 10.16
N TYR B 128 2.45 18.53 9.15
CA TYR B 128 3.90 18.57 9.18
C TYR B 128 4.43 19.99 8.97
N GLN B 129 3.68 20.82 8.23
CA GLN B 129 4.12 22.19 7.98
C GLN B 129 4.20 23.01 9.27
N LEU B 130 3.40 22.65 10.28
CA LEU B 130 3.48 23.29 11.59
C LEU B 130 4.25 22.42 12.59
N ARG B 131 4.84 21.31 12.11
CA ARG B 131 5.58 20.36 12.95
C ARG B 131 4.73 19.84 14.10
N ALA B 132 3.47 19.53 13.81
CA ALA B 132 2.58 18.99 14.83
C ALA B 132 2.91 17.53 15.09
N PRO B 133 2.74 17.05 16.32
CA PRO B 133 2.99 15.63 16.59
C PRO B 133 1.83 14.76 16.10
N TYR B 134 1.98 13.45 16.35
CA TYR B 134 1.01 12.43 15.96
C TYR B 134 0.73 12.48 14.46
N ARG B 135 1.82 12.36 13.69
CA ARG B 135 1.73 12.47 12.24
C ARG B 135 1.00 11.29 11.63
N VAL B 136 1.36 10.07 12.04
CA VAL B 136 0.78 8.87 11.45
C VAL B 136 -0.68 8.71 11.90
N SER B 137 -0.99 9.14 13.12
CA SER B 137 -2.30 8.85 13.71
C SER B 137 -3.44 9.48 12.92
N CYS B 138 -3.29 10.75 12.55
CA CYS B 138 -4.34 11.43 11.79
C CYS B 138 -4.53 10.78 10.42
N SER B 139 -3.45 10.39 9.77
CA SER B 139 -3.54 9.72 8.48
C SER B 139 -4.27 8.39 8.61
N ALA B 140 -3.96 7.63 9.66
CA ALA B 140 -4.66 6.36 9.87
C ALA B 140 -6.14 6.58 10.14
N ILE B 141 -6.47 7.62 10.93
CA ILE B 141 -7.86 7.89 11.24
C ILE B 141 -8.64 8.25 9.99
N ILE B 142 -8.09 9.14 9.16
CA ILE B 142 -8.80 9.56 7.96
C ILE B 142 -8.87 8.42 6.95
N PHE B 143 -7.85 7.56 6.93
CA PHE B 143 -7.89 6.38 6.05
C PHE B 143 -9.02 5.45 6.46
N ALA B 144 -9.18 5.21 7.78
CA ALA B 144 -10.27 4.36 8.25
C ALA B 144 -11.62 4.98 7.95
N ILE B 145 -11.75 6.29 8.14
CA ILE B 145 -13.01 6.98 7.85
C ILE B 145 -13.36 6.89 6.37
N LEU B 146 -12.37 7.08 5.51
CA LEU B 146 -12.61 7.00 4.07
C LEU B 146 -12.98 5.58 3.64
N MET B 147 -12.33 4.57 4.22
CA MET B 147 -12.71 3.19 3.92
C MET B 147 -14.14 2.91 4.36
N SER B 148 -14.53 3.43 5.54
CA SER B 148 -15.90 3.29 5.99
C SER B 148 -16.87 3.98 5.04
N GLY B 149 -16.48 5.15 4.52
CA GLY B 149 -17.33 5.83 3.56
C GLY B 149 -17.50 5.06 2.26
N VAL B 150 -16.41 4.45 1.78
CA VAL B 150 -16.48 3.61 0.58
C VAL B 150 -17.44 2.45 0.80
N LEU B 151 -17.32 1.79 1.96
CA LEU B 151 -18.17 0.64 2.21
C LEU B 151 -19.63 1.04 2.42
N ALA B 152 -19.87 2.21 3.03
CA ALA B 152 -21.23 2.72 3.17
C ALA B 152 -21.84 3.03 1.81
N GLU B 153 -21.05 3.63 0.91
CA GLU B 153 -21.52 3.85 -0.45
C GLU B 153 -21.78 2.54 -1.17
N PHE B 154 -21.01 1.50 -0.84
CA PHE B 154 -21.28 0.17 -1.41
C PHE B 154 -22.63 -0.36 -0.94
N TYR B 155 -22.93 -0.20 0.35
CA TYR B 155 -24.23 -0.63 0.85
C TYR B 155 -25.36 0.23 0.32
N ALA B 156 -25.09 1.48 -0.03
CA ALA B 156 -26.14 2.40 -0.45
C ALA B 156 -26.80 1.94 -1.75
N GLU B 157 -26.00 1.46 -2.71
CA GLU B 157 -26.51 1.06 -4.00
C GLU B 157 -27.09 -0.36 -4.00
N GLY B 158 -26.79 -1.15 -2.97
CA GLY B 158 -27.15 -2.56 -2.95
C GLY B 158 -28.62 -2.83 -2.71
N ASP B 159 -28.89 -3.99 -2.13
CA ASP B 159 -30.27 -4.43 -1.92
C ASP B 159 -30.94 -3.54 -0.88
N PRO B 160 -32.14 -3.01 -1.19
CA PRO B 160 -32.82 -2.13 -0.22
C PRO B 160 -33.15 -2.81 1.11
N ARG B 161 -33.17 -4.13 1.17
CA ARG B 161 -33.31 -4.80 2.46
C ARG B 161 -32.08 -4.60 3.34
N LEU B 162 -30.94 -4.24 2.75
CA LEU B 162 -29.71 -3.96 3.48
C LEU B 162 -29.41 -2.48 3.57
N ARG B 163 -30.43 -1.63 3.36
CA ARG B 163 -30.23 -0.19 3.39
C ARG B 163 -29.90 0.31 4.80
N ASN B 164 -30.26 -0.46 5.83
CA ASN B 164 -30.04 -0.02 7.21
C ASN B 164 -28.56 0.07 7.56
N GLY B 165 -27.72 -0.78 6.94
CA GLY B 165 -26.30 -0.74 7.24
C GLY B 165 -25.63 0.53 6.77
N ALA B 166 -26.17 1.17 5.73
CA ALA B 166 -25.60 2.42 5.25
C ALA B 166 -25.68 3.50 6.31
N TYR B 167 -26.81 3.60 7.03
CA TYR B 167 -26.92 4.58 8.10
C TYR B 167 -25.99 4.25 9.27
N ALA B 168 -25.79 2.97 9.56
CA ALA B 168 -24.87 2.59 10.63
C ALA B 168 -23.44 2.99 10.30
N TRP B 169 -23.01 2.73 9.06
CA TRP B 169 -21.67 3.15 8.65
C TRP B 169 -21.56 4.66 8.55
N TYR B 170 -22.66 5.34 8.20
CA TYR B 170 -22.70 6.80 8.27
C TYR B 170 -22.44 7.30 9.67
N GLY B 171 -23.12 6.70 10.66
CA GLY B 171 -22.89 7.09 12.05
C GLY B 171 -21.46 6.81 12.50
N PHE B 172 -20.92 5.67 12.09
CA PHE B 172 -19.53 5.32 12.40
C PHE B 172 -18.57 6.37 11.83
N GLY B 173 -18.70 6.66 10.54
CA GLY B 173 -17.81 7.61 9.90
C GLY B 173 -17.94 9.01 10.47
N CYS B 174 -19.18 9.43 10.77
CA CYS B 174 -19.37 10.75 11.36
C CYS B 174 -18.80 10.84 12.76
N PHE B 175 -18.94 9.79 13.56
CA PHE B 175 -18.39 9.82 14.92
C PHE B 175 -16.86 9.91 14.88
N TRP B 176 -16.23 9.07 14.05
CA TRP B 176 -14.77 9.15 13.97
C TRP B 176 -14.30 10.45 13.31
N PHE B 177 -15.09 11.01 12.39
CA PHE B 177 -14.73 12.27 11.77
C PHE B 177 -14.83 13.42 12.76
N ILE B 178 -15.85 13.40 13.63
CA ILE B 178 -15.97 14.40 14.68
C ILE B 178 -14.80 14.30 15.64
N PHE B 179 -14.43 13.08 16.02
CA PHE B 179 -13.29 12.89 16.91
C PHE B 179 -12.00 13.41 16.26
N ALA B 180 -11.79 13.08 14.99
CA ALA B 180 -10.58 13.51 14.29
C ALA B 180 -10.54 15.02 14.14
N TYR B 181 -11.68 15.64 13.79
CA TYR B 181 -11.74 17.09 13.65
C TYR B 181 -11.46 17.78 14.98
N SER B 182 -12.03 17.27 16.07
CA SER B 182 -11.79 17.87 17.38
C SER B 182 -10.32 17.76 17.77
N ILE B 183 -9.72 16.59 17.60
CA ILE B 183 -8.33 16.42 18.03
C ILE B 183 -7.38 17.23 17.15
N VAL B 184 -7.65 17.30 15.85
CA VAL B 184 -6.76 18.06 14.97
C VAL B 184 -6.90 19.55 15.23
N MET B 185 -8.12 20.03 15.52
CA MET B 185 -8.31 21.44 15.86
C MET B 185 -7.58 21.76 17.15
N SER B 186 -7.67 20.86 18.15
CA SER B 186 -7.00 21.09 19.42
C SER B 186 -5.49 21.15 19.26
N ILE B 187 -4.91 20.19 18.53
CA ILE B 187 -3.46 20.16 18.40
C ILE B 187 -2.96 21.33 17.56
N VAL B 188 -3.72 21.72 16.53
CA VAL B 188 -3.34 22.88 15.71
C VAL B 188 -3.38 24.15 16.55
N ALA B 189 -4.44 24.32 17.35
CA ALA B 189 -4.56 25.50 18.18
C ALA B 189 -3.42 25.58 19.20
N LYS B 190 -3.12 24.47 19.88
CA LYS B 190 -2.04 24.47 20.86
C LYS B 190 -0.69 24.73 20.19
N GLN B 191 -0.44 24.10 19.05
CA GLN B 191 0.84 24.26 18.36
C GLN B 191 1.04 25.68 17.89
N TYR B 192 -0.01 26.29 17.32
CA TYR B 192 0.17 27.64 16.81
C TYR B 192 0.17 28.66 17.94
N SER B 193 -0.47 28.34 19.08
CA SER B 193 -0.34 29.18 20.26
C SER B 193 1.10 29.18 20.77
N ARG B 194 1.72 28.00 20.80
CA ARG B 194 3.13 27.94 21.18
C ARG B 194 4.01 28.67 20.17
N LEU B 195 3.69 28.57 18.88
CA LEU B 195 4.44 29.30 17.87
C LEU B 195 4.31 30.81 18.08
N ALA B 196 3.09 31.28 18.34
CA ALA B 196 2.86 32.70 18.53
C ALA B 196 3.57 33.24 19.76
N GLN B 197 3.53 32.47 20.86
CA GLN B 197 4.28 32.90 22.05
C GLN B 197 5.79 32.73 21.87
N LEU B 198 6.22 31.97 20.86
CA LEU B 198 7.62 31.89 20.49
C LEU B 198 7.96 32.75 19.28
N ALA B 199 7.01 33.53 18.77
CA ALA B 199 7.22 34.39 17.61
C ALA B 199 7.54 35.82 18.05
N GLN B 200 8.79 36.06 18.43
CA GLN B 200 9.22 37.38 18.85
C GLN B 200 10.23 37.95 17.86
N ASP B 201 10.01 39.19 17.43
CA ASP B 201 10.87 39.89 16.48
C ASP B 201 11.00 39.13 15.16
N THR B 202 9.84 38.76 14.60
CA THR B 202 9.81 37.93 13.39
C THR B 202 10.02 38.74 12.11
N GLY B 203 9.40 39.91 12.00
CA GLY B 203 9.47 40.70 10.79
C GLY B 203 8.57 40.22 9.67
N ALA B 204 7.76 39.20 9.91
CA ALA B 204 6.83 38.67 8.92
C ALA B 204 5.43 38.52 9.50
N GLU B 205 4.96 39.55 10.22
CA GLU B 205 3.66 39.47 10.88
C GLU B 205 2.53 39.39 9.86
N HIS B 206 2.63 40.16 8.76
CA HIS B 206 1.64 40.06 7.70
C HIS B 206 1.69 38.68 7.05
N SER B 207 2.89 38.16 6.80
CA SER B 207 3.03 36.79 6.31
C SER B 207 2.51 35.80 7.34
N LEU B 208 2.73 36.08 8.63
CA LEU B 208 2.16 35.24 9.69
C LEU B 208 0.64 35.25 9.65
N HIS B 209 0.05 36.42 9.39
CA HIS B 209 -1.41 36.49 9.26
C HIS B 209 -1.89 35.70 8.05
N VAL B 210 -1.16 35.79 6.94
CA VAL B 210 -1.53 35.04 5.74
C VAL B 210 -1.51 33.54 6.02
N LEU B 211 -0.43 33.07 6.67
CA LEU B 211 -0.33 31.63 6.91
C LEU B 211 -1.34 31.15 7.94
N LYS B 212 -1.62 31.96 8.98
CA LYS B 212 -2.61 31.52 9.95
C LYS B 212 -4.00 31.46 9.33
N PHE B 213 -4.33 32.45 8.48
CA PHE B 213 -5.61 32.43 7.79
C PHE B 213 -5.72 31.21 6.89
N ALA B 214 -4.65 30.91 6.16
CA ALA B 214 -4.65 29.74 5.28
C ALA B 214 -4.84 28.45 6.07
N VAL B 215 -4.10 28.28 7.18
CA VAL B 215 -4.16 27.01 7.90
C VAL B 215 -5.50 26.86 8.62
N PHE B 216 -6.06 27.96 9.13
CA PHE B 216 -7.36 27.85 9.78
C PHE B 216 -8.46 27.50 8.78
N THR B 217 -8.46 28.17 7.62
CA THR B 217 -9.43 27.83 6.58
C THR B 217 -9.25 26.39 6.11
N PHE B 218 -7.99 25.95 5.98
CA PHE B 218 -7.73 24.59 5.53
C PHE B 218 -8.16 23.56 6.57
N SER B 219 -8.04 23.90 7.85
CA SER B 219 -8.52 23.02 8.90
C SER B 219 -10.05 22.96 8.93
N MET B 220 -10.73 24.06 8.63
CA MET B 220 -12.18 24.06 8.71
C MET B 220 -12.88 23.68 7.41
N LEU B 221 -12.13 23.47 6.32
CA LEU B 221 -12.78 23.14 5.05
C LEU B 221 -13.48 21.77 5.07
N TRP B 222 -13.03 20.81 5.89
CA TRP B 222 -13.62 19.47 5.80
C TRP B 222 -15.05 19.39 6.28
N ILE B 223 -15.71 20.50 6.60
CA ILE B 223 -17.11 20.47 6.99
C ILE B 223 -17.98 20.22 5.77
N LEU B 224 -17.37 20.23 4.58
CA LEU B 224 -18.13 20.00 3.35
C LEU B 224 -18.58 18.54 3.24
N PHE B 225 -17.75 17.59 3.65
CA PHE B 225 -18.04 16.17 3.41
C PHE B 225 -19.35 15.69 4.03
N PRO B 226 -19.63 15.87 5.32
CA PRO B 226 -20.91 15.34 5.83
C PRO B 226 -22.12 16.13 5.35
N LEU B 227 -21.96 17.44 5.14
CA LEU B 227 -23.05 18.23 4.58
C LEU B 227 -23.37 17.79 3.16
N VAL B 228 -22.34 17.55 2.35
CA VAL B 228 -22.55 17.09 0.98
C VAL B 228 -23.19 15.70 0.97
N TRP B 229 -22.73 14.82 1.86
CA TRP B 229 -23.35 13.49 1.93
C TRP B 229 -24.79 13.56 2.39
N ALA B 230 -25.12 14.49 3.30
CA ALA B 230 -26.49 14.61 3.79
C ALA B 230 -27.43 15.19 2.74
N ILE B 231 -26.97 16.20 1.98
CA ILE B 231 -27.85 16.84 1.01
C ILE B 231 -28.08 15.98 -0.24
N CYS B 232 -27.14 15.09 -0.58
CA CYS B 232 -27.35 14.23 -1.74
C CYS B 232 -28.36 13.14 -1.39
N PRO B 233 -28.94 12.47 -2.40
CA PRO B 233 -29.97 11.46 -2.12
C PRO B 233 -29.53 10.31 -1.22
N ARG B 234 -28.23 10.15 -0.97
CA ARG B 234 -27.79 9.17 0.02
C ARG B 234 -28.27 9.53 1.42
N GLY B 235 -28.45 10.82 1.70
CA GLY B 235 -28.90 11.25 3.00
C GLY B 235 -30.30 11.84 2.98
N PHE B 236 -30.42 13.12 3.33
CA PHE B 236 -31.73 13.77 3.34
C PHE B 236 -32.26 13.99 1.92
N GLY B 237 -31.36 14.04 0.94
CA GLY B 237 -31.78 14.18 -0.44
C GLY B 237 -32.40 15.51 -0.79
N TRP B 238 -31.84 16.62 -0.29
CA TRP B 238 -32.34 17.94 -0.67
C TRP B 238 -31.88 18.37 -2.06
N ILE B 239 -30.91 17.67 -2.65
CA ILE B 239 -30.45 17.95 -4.00
C ILE B 239 -30.52 16.67 -4.81
N ASP B 240 -30.44 16.82 -6.13
CA ASP B 240 -30.48 15.69 -7.04
C ASP B 240 -29.06 15.21 -7.36
N ASP B 241 -28.99 14.09 -8.08
CA ASP B 241 -27.69 13.47 -8.36
C ASP B 241 -26.85 14.31 -9.31
N ASN B 242 -27.48 14.97 -10.28
CA ASN B 242 -26.74 15.68 -11.30
C ASN B 242 -25.95 16.87 -10.75
N TRP B 243 -26.42 17.46 -9.66
CA TRP B 243 -25.73 18.59 -9.05
C TRP B 243 -24.75 18.16 -7.97
N THR B 244 -24.60 16.86 -7.71
CA THR B 244 -23.62 16.39 -6.73
C THR B 244 -22.21 16.42 -7.30
N GLU B 245 -22.07 16.12 -8.60
CA GLU B 245 -20.75 16.05 -9.21
C GLU B 245 -20.06 17.42 -9.20
N VAL B 246 -20.81 18.47 -9.51
CA VAL B 246 -20.23 19.81 -9.50
C VAL B 246 -19.83 20.21 -8.09
N ALA B 247 -20.61 19.76 -7.09
CA ALA B 247 -20.27 20.04 -5.71
C ALA B 247 -18.96 19.35 -5.33
N HIS B 248 -18.81 18.08 -5.72
CA HIS B 248 -17.56 17.38 -5.41
C HIS B 248 -16.38 17.99 -6.14
N CYS B 249 -16.60 18.48 -7.37
CA CYS B 249 -15.53 19.15 -8.10
C CYS B 249 -15.08 20.43 -7.40
N VAL B 250 -16.02 21.29 -7.02
CA VAL B 250 -15.61 22.53 -6.36
C VAL B 250 -14.98 22.24 -5.00
N CYS B 251 -15.47 21.22 -4.29
CA CYS B 251 -14.91 20.90 -2.98
C CYS B 251 -13.48 20.36 -3.08
N ASP B 252 -13.23 19.40 -3.98
CA ASP B 252 -11.87 18.90 -4.03
C ASP B 252 -10.92 19.86 -4.74
N ILE B 253 -11.42 20.77 -5.58
CA ILE B 253 -10.58 21.85 -6.08
C ILE B 253 -10.16 22.76 -4.95
N VAL B 254 -11.10 23.14 -4.08
CA VAL B 254 -10.75 23.95 -2.90
C VAL B 254 -9.76 23.18 -2.01
N ALA B 255 -9.93 21.86 -1.92
CA ALA B 255 -9.05 21.05 -1.08
C ALA B 255 -7.63 21.00 -1.63
N LYS B 256 -7.47 20.89 -2.95
CA LYS B 256 -6.17 20.61 -3.54
C LYS B 256 -5.51 21.83 -4.19
N SER B 257 -6.19 22.49 -5.14
CA SER B 257 -5.56 23.58 -5.88
C SER B 257 -5.31 24.78 -4.99
N CYS B 258 -6.26 25.10 -4.09
CA CYS B 258 -6.06 26.19 -3.14
C CYS B 258 -4.92 25.86 -2.18
N TYR B 259 -4.81 24.59 -1.77
CA TYR B 259 -3.70 24.17 -0.93
C TYR B 259 -2.37 24.39 -1.64
N GLY B 260 -2.29 23.99 -2.91
CA GLY B 260 -1.06 24.18 -3.66
C GLY B 260 -0.72 25.64 -3.86
N PHE B 261 -1.72 26.47 -4.16
CA PHE B 261 -1.49 27.90 -4.32
C PHE B 261 -1.03 28.55 -3.02
N ALA B 262 -1.64 28.15 -1.90
CA ALA B 262 -1.25 28.71 -0.61
C ALA B 262 0.17 28.31 -0.24
N LEU B 263 0.54 27.06 -0.48
CA LEU B 263 1.91 26.62 -0.20
C LEU B 263 2.91 27.34 -1.11
N ALA B 264 2.55 27.53 -2.38
CA ALA B 264 3.43 28.24 -3.31
C ALA B 264 3.63 29.69 -2.89
N ARG B 265 2.55 30.34 -2.46
CA ARG B 265 2.67 31.73 -2.02
C ARG B 265 3.43 31.83 -0.70
N PHE B 266 3.32 30.81 0.15
CA PHE B 266 4.06 30.81 1.40
C PHE B 266 5.56 30.62 1.15
N ARG B 267 5.92 29.75 0.20
CA ARG B 267 7.33 29.48 -0.03
C ARG B 267 8.06 30.64 -0.71
N LYS B 268 7.34 31.57 -1.33
CA LYS B 268 7.98 32.72 -1.94
C LYS B 268 8.05 33.93 -1.01
N THR B 269 7.63 33.77 0.25
CA THR B 269 7.61 34.88 1.19
C THR B 269 8.20 34.54 2.55
N TYR B 270 8.50 33.28 2.84
CA TYR B 270 9.03 32.93 4.15
C TYR B 270 10.50 33.28 4.25
N ASP B 271 10.96 33.49 5.48
CA ASP B 271 12.36 33.78 5.78
C ASP B 271 12.93 32.71 6.71
N GLU B 272 14.21 32.86 7.03
CA GLU B 272 14.99 31.78 7.62
C GLU B 272 14.90 31.69 9.14
N GLU B 273 14.74 32.83 9.83
CA GLU B 273 14.67 32.77 11.28
C GLU B 273 13.38 32.10 11.75
N LEU B 274 12.26 32.39 11.09
CA LEU B 274 11.04 31.65 11.40
C LEU B 274 11.19 30.17 11.06
N PHE B 275 11.95 29.86 10.02
CA PHE B 275 12.22 28.46 9.68
C PHE B 275 12.94 27.75 10.83
N ARG B 276 14.03 28.33 11.32
CA ARG B 276 14.77 27.69 12.41
C ARG B 276 13.96 27.68 13.71
N LEU B 277 13.07 28.66 13.90
CA LEU B 277 12.15 28.59 15.04
C LEU B 277 11.14 27.46 14.87
N LEU B 278 10.72 27.14 13.65
CA LEU B 278 9.90 25.95 13.46
C LEU B 278 10.66 24.67 13.79
N GLU B 279 11.94 24.59 13.41
CA GLU B 279 12.72 23.41 13.85
C GLU B 279 12.88 23.39 15.37
N GLN B 280 13.02 24.55 16.00
CA GLN B 280 13.07 24.60 17.46
C GLN B 280 11.76 24.15 18.08
N LEU B 281 10.63 24.53 17.46
CA LEU B 281 9.32 24.13 17.94
C LEU B 281 9.12 22.63 17.84
N GLY B 282 9.66 22.01 16.78
CA GLY B 282 9.50 20.58 16.61
C GLY B 282 10.41 19.74 17.48
N HIS B 283 10.57 20.15 18.75
CA HIS B 283 11.37 19.43 19.73
C HIS B 283 10.56 18.94 20.91
N ASP B 284 9.80 19.81 21.54
CA ASP B 284 8.97 19.44 22.69
C ASP B 284 7.50 19.69 22.41
N HIS C 2 -24.87 -8.59 -20.89
CA HIS C 2 -23.42 -8.38 -20.92
C HIS C 2 -23.06 -7.14 -21.72
N ALA C 3 -23.34 -7.18 -23.03
CA ALA C 3 -23.07 -6.05 -23.91
C ALA C 3 -24.32 -5.71 -24.71
N PRO C 4 -24.64 -4.43 -24.86
CA PRO C 4 -25.84 -4.06 -25.62
C PRO C 4 -25.67 -4.31 -27.11
N GLY C 5 -26.71 -4.86 -27.72
CA GLY C 5 -26.75 -5.08 -29.15
C GLY C 5 -25.96 -6.27 -29.66
N THR C 6 -25.03 -6.82 -28.87
CA THR C 6 -24.23 -7.95 -29.28
C THR C 6 -24.40 -9.10 -28.30
N ASP C 7 -24.55 -10.31 -28.84
CA ASP C 7 -24.68 -11.50 -28.00
C ASP C 7 -23.35 -11.97 -27.44
N GLN C 8 -22.22 -11.46 -27.94
CA GLN C 8 -20.93 -11.83 -27.41
C GLN C 8 -20.75 -11.30 -25.99
N MET C 9 -19.98 -12.02 -25.19
CA MET C 9 -19.69 -11.63 -23.82
C MET C 9 -18.18 -11.56 -23.62
N PHE C 10 -17.77 -10.72 -22.68
CA PHE C 10 -16.36 -10.51 -22.38
C PHE C 10 -16.02 -11.16 -21.05
N TYR C 11 -14.98 -11.99 -21.06
CA TYR C 11 -14.60 -12.79 -19.91
C TYR C 11 -13.56 -12.13 -19.01
N VAL C 12 -13.15 -10.91 -19.35
CA VAL C 12 -12.08 -10.26 -18.60
C VAL C 12 -12.59 -9.81 -17.23
N GLY C 13 -11.79 -10.04 -16.20
CA GLY C 13 -12.12 -9.58 -14.87
C GLY C 13 -13.25 -10.30 -14.19
N THR C 14 -13.60 -11.50 -14.65
CA THR C 14 -14.72 -12.26 -14.11
C THR C 14 -14.27 -13.67 -13.77
N MET C 15 -15.00 -14.29 -12.85
CA MET C 15 -14.78 -15.69 -12.53
C MET C 15 -15.17 -16.62 -13.68
N ASP C 16 -16.03 -16.15 -14.58
CA ASP C 16 -16.41 -16.96 -15.74
C ASP C 16 -15.20 -17.23 -16.64
N GLY C 17 -14.40 -16.19 -16.90
CA GLY C 17 -13.16 -16.38 -17.63
C GLY C 17 -12.08 -17.04 -16.81
N TRP C 18 -12.21 -17.03 -15.48
CA TRP C 18 -11.25 -17.71 -14.62
C TRP C 18 -11.27 -19.21 -14.84
N TYR C 19 -12.46 -19.79 -14.99
CA TYR C 19 -12.60 -21.23 -15.14
C TYR C 19 -12.43 -21.70 -16.58
N LEU C 20 -12.18 -20.78 -17.51
CA LEU C 20 -11.94 -21.16 -18.89
C LEU C 20 -10.62 -21.90 -19.03
N ASP C 21 -10.52 -22.72 -20.08
CA ASP C 21 -9.29 -23.43 -20.36
C ASP C 21 -8.22 -22.47 -20.85
N THR C 22 -6.95 -22.89 -20.71
CA THR C 22 -5.83 -22.03 -21.06
C THR C 22 -5.76 -21.80 -22.57
N LYS C 23 -5.23 -20.64 -22.95
CA LYS C 23 -4.99 -20.31 -24.35
C LYS C 23 -3.53 -20.40 -24.71
N LEU C 24 -2.68 -20.88 -23.81
CA LEU C 24 -1.25 -20.98 -24.05
C LEU C 24 -0.91 -22.33 -24.68
N ASN C 25 0.32 -22.43 -25.17
CA ASN C 25 0.83 -23.65 -25.79
C ASN C 25 2.04 -24.14 -25.01
N SER C 26 2.71 -25.17 -25.56
CA SER C 26 3.78 -25.85 -24.84
C SER C 26 4.97 -24.94 -24.61
N VAL C 27 5.35 -24.15 -25.62
CA VAL C 27 6.54 -23.32 -25.50
C VAL C 27 6.35 -22.22 -24.46
N ALA C 28 5.14 -21.67 -24.33
CA ALA C 28 4.88 -20.68 -23.29
C ALA C 28 5.02 -21.29 -21.91
N ILE C 29 4.50 -22.52 -21.72
CA ILE C 29 4.64 -23.21 -20.44
C ILE C 29 6.10 -23.48 -20.13
N GLY C 30 6.86 -23.92 -21.12
CA GLY C 30 8.28 -24.18 -20.90
C GLY C 30 9.06 -22.92 -20.57
N ALA C 31 8.73 -21.81 -21.24
CA ALA C 31 9.38 -20.54 -20.93
C ALA C 31 9.02 -20.07 -19.52
N HIS C 32 7.75 -20.24 -19.12
CA HIS C 32 7.37 -19.90 -17.75
C HIS C 32 8.12 -20.75 -16.74
N TRP C 33 8.26 -22.04 -17.01
CA TRP C 33 9.00 -22.92 -16.11
C TRP C 33 10.46 -22.49 -15.99
N SER C 34 11.10 -22.20 -17.14
CA SER C 34 12.50 -21.80 -17.12
C SER C 34 12.68 -20.47 -16.38
N CYS C 35 11.79 -19.51 -16.63
CA CYS C 35 11.88 -18.21 -15.98
C CYS C 35 11.68 -18.34 -14.48
N PHE C 36 10.71 -19.16 -14.06
CA PHE C 36 10.49 -19.38 -12.64
C PHE C 36 11.70 -20.04 -11.99
N ILE C 37 12.31 -21.02 -12.68
CA ILE C 37 13.46 -21.72 -12.14
C ILE C 37 14.63 -20.76 -11.95
N VAL C 38 14.91 -19.95 -12.97
CA VAL C 38 16.06 -19.05 -12.86
C VAL C 38 15.78 -17.94 -11.83
N LEU C 39 14.54 -17.47 -11.75
CA LEU C 39 14.20 -16.50 -10.71
C LEU C 39 14.39 -17.08 -9.32
N THR C 40 13.95 -18.33 -9.12
CA THR C 40 14.10 -18.97 -7.83
C THR C 40 15.56 -19.17 -7.46
N ILE C 41 16.38 -19.60 -8.43
CA ILE C 41 17.79 -19.85 -8.11
C ILE C 41 18.53 -18.53 -7.87
N THR C 42 18.17 -17.46 -8.60
CA THR C 42 18.79 -16.17 -8.32
C THR C 42 18.38 -15.64 -6.96
N THR C 43 17.10 -15.83 -6.59
CA THR C 43 16.65 -15.42 -5.25
C THR C 43 17.39 -16.18 -4.16
N PHE C 44 17.56 -17.50 -4.36
CA PHE C 44 18.28 -18.31 -3.38
C PHE C 44 19.74 -17.88 -3.26
N TYR C 45 20.40 -17.64 -4.40
CA TYR C 45 21.79 -17.21 -4.39
C TYR C 45 21.94 -15.85 -3.71
N LEU C 46 21.05 -14.91 -4.02
CA LEU C 46 21.17 -13.58 -3.45
C LEU C 46 20.84 -13.59 -1.96
N GLY C 47 19.91 -14.45 -1.54
CA GLY C 47 19.66 -14.61 -0.11
C GLY C 47 20.83 -15.24 0.62
N TYR C 48 21.49 -16.22 -0.02
CA TYR C 48 22.68 -16.82 0.56
C TYR C 48 23.79 -15.79 0.71
N GLU C 49 23.96 -14.92 -0.28
CA GLU C 49 24.94 -13.84 -0.15
C GLU C 49 24.51 -12.84 0.92
N SER C 50 23.21 -12.60 1.06
CA SER C 50 22.73 -11.65 2.06
C SER C 50 22.95 -12.16 3.48
N TRP C 51 22.80 -13.47 3.69
CA TRP C 51 23.09 -14.03 5.01
C TRP C 51 24.56 -13.90 5.35
N THR C 52 25.43 -14.22 4.40
CA THR C 52 26.87 -14.05 4.57
C THR C 52 27.34 -12.72 4.00
N SER C 53 26.69 -11.63 4.42
CA SER C 53 27.00 -10.29 3.93
C SER C 53 27.68 -9.51 5.05
N ARG C 54 28.98 -9.34 4.91
CA ARG C 54 29.75 -8.55 5.87
C ARG C 54 29.76 -7.09 5.42
N GLY C 55 30.13 -6.20 6.34
CA GLY C 55 30.20 -4.79 6.03
C GLY C 55 31.41 -4.47 5.16
N PRO C 56 31.54 -3.19 4.77
CA PRO C 56 32.74 -2.79 4.01
C PRO C 56 34.03 -3.01 4.79
N SER C 57 34.02 -2.82 6.10
CA SER C 57 35.18 -3.10 6.93
C SER C 57 35.37 -4.60 7.17
N LYS C 58 34.40 -5.42 6.78
CA LYS C 58 34.44 -6.88 6.88
C LYS C 58 34.55 -7.36 8.34
N ARG C 59 34.15 -6.52 9.29
CA ARG C 59 34.05 -6.93 10.68
C ARG C 59 32.65 -6.79 11.24
N THR C 60 31.82 -5.91 10.68
CA THR C 60 30.42 -5.82 11.07
C THR C 60 29.69 -7.08 10.58
N SER C 61 29.10 -7.82 11.52
CA SER C 61 28.52 -9.11 11.19
C SER C 61 27.23 -8.95 10.39
N PHE C 62 26.21 -8.38 10.99
CA PHE C 62 24.92 -8.20 10.33
C PHE C 62 24.78 -6.77 9.80
N TYR C 63 25.63 -6.47 8.82
CA TYR C 63 25.55 -5.17 8.15
C TYR C 63 24.25 -5.02 7.39
N ALA C 64 23.80 -6.10 6.74
CA ALA C 64 22.52 -6.07 6.03
C ALA C 64 21.35 -6.00 7.01
N GLY C 65 21.55 -6.41 8.26
CA GLY C 65 20.50 -6.34 9.25
C GLY C 65 20.12 -4.94 9.65
N TYR C 66 21.03 -3.98 9.50
CA TYR C 66 20.76 -2.58 9.79
C TYR C 66 20.61 -1.74 8.52
N GLN C 67 21.54 -1.88 7.58
CA GLN C 67 21.39 -1.27 6.25
C GLN C 67 20.54 -2.22 5.39
N GLU C 68 19.25 -2.27 5.73
CA GLU C 68 18.34 -3.22 5.11
C GLU C 68 18.06 -2.90 3.64
N GLU C 69 18.28 -1.65 3.22
CA GLU C 69 18.07 -1.28 1.83
C GLU C 69 19.01 -2.05 0.90
N GLN C 70 20.14 -2.53 1.42
CA GLN C 70 21.03 -3.38 0.65
C GLN C 70 20.33 -4.65 0.19
N ASN C 71 19.39 -5.14 0.99
CA ASN C 71 18.60 -6.31 0.63
C ASN C 71 17.40 -5.97 -0.24
N LEU C 72 17.19 -4.69 -0.54
CA LEU C 72 15.94 -4.24 -1.16
C LEU C 72 15.69 -4.94 -2.49
N ALA C 73 16.72 -4.99 -3.35
CA ALA C 73 16.59 -5.67 -4.64
C ALA C 73 16.16 -7.11 -4.45
N LEU C 74 16.73 -7.79 -3.44
CA LEU C 74 16.28 -9.11 -3.03
C LEU C 74 14.76 -9.23 -3.04
N PHE C 75 14.10 -8.35 -2.29
CA PHE C 75 12.65 -8.41 -2.15
C PHE C 75 11.99 -8.34 -3.52
N VAL C 76 12.44 -7.41 -4.37
CA VAL C 76 11.89 -7.29 -5.71
C VAL C 76 12.05 -8.60 -6.46
N ASN C 77 13.27 -9.14 -6.46
CA ASN C 77 13.52 -10.41 -7.13
C ASN C 77 12.66 -11.50 -6.51
N PHE C 78 12.54 -11.48 -5.18
CA PHE C 78 11.69 -12.44 -4.48
C PHE C 78 10.27 -12.36 -5.01
N PHE C 79 9.73 -11.14 -5.08
CA PHE C 79 8.35 -10.98 -5.54
C PHE C 79 8.22 -11.44 -6.98
N ALA C 80 9.28 -11.25 -7.78
CA ALA C 80 9.26 -11.71 -9.16
C ALA C 80 9.03 -13.21 -9.23
N MET C 81 9.68 -13.96 -8.33
CA MET C 81 9.44 -15.40 -8.27
C MET C 81 7.97 -15.67 -7.99
N LEU C 82 7.42 -15.00 -6.99
CA LEU C 82 5.99 -15.14 -6.70
C LEU C 82 5.18 -14.69 -7.90
N SER C 83 5.64 -13.63 -8.58
CA SER C 83 4.92 -13.10 -9.73
C SER C 83 4.76 -14.12 -10.83
N TYR C 84 5.60 -15.16 -10.84
CA TYR C 84 5.41 -16.20 -11.85
C TYR C 84 4.89 -17.51 -11.26
N PHE C 85 5.02 -17.70 -9.95
CA PHE C 85 4.76 -19.02 -9.37
C PHE C 85 3.31 -19.44 -9.57
N GLY C 86 2.38 -18.52 -9.35
CA GLY C 86 0.97 -18.83 -9.59
C GLY C 86 0.71 -19.22 -11.03
N LYS C 87 1.40 -18.56 -11.97
CA LYS C 87 1.27 -18.92 -13.37
C LYS C 87 1.68 -20.37 -13.60
N ILE C 88 2.74 -20.82 -12.90
CA ILE C 88 3.15 -22.21 -12.97
C ILE C 88 2.01 -23.11 -12.52
N VAL C 89 1.30 -22.70 -11.46
CA VAL C 89 0.11 -23.43 -11.02
C VAL C 89 -0.91 -23.50 -12.13
N ALA C 90 -1.12 -22.37 -12.83
CA ALA C 90 -1.99 -22.37 -13.99
C ALA C 90 -1.45 -23.31 -15.06
N ASP C 91 -0.13 -23.30 -15.28
CA ASP C 91 0.47 -24.22 -16.23
C ASP C 91 0.31 -25.67 -15.79
N THR C 92 0.10 -25.89 -14.49
CA THR C 92 -0.21 -27.24 -14.02
C THR C 92 -1.66 -27.61 -14.32
N LEU C 93 -2.57 -26.63 -14.23
CA LEU C 93 -4.00 -26.94 -14.30
C LEU C 93 -4.59 -26.76 -15.69
N GLY C 94 -3.89 -26.11 -16.61
CA GLY C 94 -4.40 -25.95 -17.96
C GLY C 94 -5.61 -25.06 -18.10
N HIS C 95 -5.80 -24.14 -17.17
CA HIS C 95 -6.92 -23.20 -17.22
C HIS C 95 -6.43 -21.80 -17.56
N ASN C 96 -7.37 -20.97 -18.00
CA ASN C 96 -7.03 -19.62 -18.44
C ASN C 96 -6.56 -18.76 -17.28
N PHE C 97 -5.50 -17.98 -17.52
CA PHE C 97 -4.94 -17.12 -16.50
C PHE C 97 -4.64 -15.71 -16.99
N GLY C 98 -4.87 -15.42 -18.26
CA GLY C 98 -4.55 -14.11 -18.80
C GLY C 98 -5.62 -13.06 -18.55
N ASP C 99 -5.32 -12.14 -17.62
CA ASP C 99 -6.19 -11.00 -17.31
C ASP C 99 -7.59 -11.43 -16.91
N VAL C 100 -7.68 -12.50 -16.12
CA VAL C 100 -8.94 -13.03 -15.62
C VAL C 100 -8.85 -13.18 -14.11
N GLY C 101 -9.99 -13.49 -13.50
CA GLY C 101 -10.06 -13.66 -12.06
C GLY C 101 -10.06 -12.35 -11.32
N PRO C 102 -9.97 -12.40 -10.00
CA PRO C 102 -9.94 -11.18 -9.20
C PRO C 102 -8.64 -10.41 -9.42
N PHE C 103 -8.72 -9.10 -9.22
CA PHE C 103 -7.57 -8.22 -9.39
C PHE C 103 -6.95 -7.96 -8.03
N ILE C 104 -5.68 -8.31 -7.90
CA ILE C 104 -4.92 -8.11 -6.66
C ILE C 104 -3.62 -7.40 -7.00
N ILE C 105 -3.27 -6.39 -6.20
CA ILE C 105 -2.11 -5.55 -6.49
C ILE C 105 -0.83 -6.33 -6.22
N GLY C 106 0.10 -6.29 -7.17
CA GLY C 106 1.41 -6.90 -7.00
C GLY C 106 1.52 -8.34 -7.47
N PHE C 107 0.47 -8.91 -8.04
CA PHE C 107 0.51 -10.28 -8.51
C PHE C 107 0.55 -10.33 -10.04
N GLY C 108 1.02 -11.48 -10.54
CA GLY C 108 1.16 -11.74 -11.96
C GLY C 108 -0.10 -12.23 -12.65
N ASN C 109 -1.25 -12.21 -11.97
CA ASN C 109 -2.50 -12.62 -12.62
C ASN C 109 -2.88 -11.67 -13.74
N TYR C 110 -2.41 -10.43 -13.67
CA TYR C 110 -2.59 -9.45 -14.74
C TYR C 110 -1.23 -9.06 -15.29
N ARG C 111 -1.23 -8.62 -16.56
CA ARG C 111 0.00 -8.52 -17.32
C ARG C 111 0.95 -7.48 -16.72
N TYR C 112 0.44 -6.31 -16.35
CA TYR C 112 1.30 -5.25 -15.85
C TYR C 112 1.17 -5.02 -14.35
N ALA C 113 0.16 -5.62 -13.71
CA ALA C 113 -0.05 -5.40 -12.29
C ALA C 113 1.01 -6.07 -11.42
N ASP C 114 1.84 -6.94 -12.00
CA ASP C 114 2.88 -7.60 -11.22
C ASP C 114 3.99 -6.64 -10.83
N TYR C 115 4.12 -5.53 -11.58
CA TYR C 115 5.24 -4.62 -11.41
C TYR C 115 5.00 -3.56 -10.34
N MET C 116 3.83 -3.58 -9.69
CA MET C 116 3.48 -2.56 -8.70
C MET C 116 4.50 -2.49 -7.58
N LEU C 117 4.89 -3.65 -7.04
CA LEU C 117 5.85 -3.69 -5.94
C LEU C 117 7.28 -3.92 -6.41
N THR C 118 7.50 -4.08 -7.71
CA THR C 118 8.84 -4.39 -8.20
C THR C 118 9.50 -3.16 -8.84
N CYS C 119 8.84 -2.56 -9.84
CA CYS C 119 9.50 -1.52 -10.63
C CYS C 119 9.85 -0.26 -9.84
N PRO C 120 8.96 0.36 -9.04
CA PRO C 120 9.39 1.55 -8.30
C PRO C 120 10.49 1.27 -7.29
N MET C 121 10.42 0.13 -6.60
CA MET C 121 11.49 -0.23 -5.66
C MET C 121 12.80 -0.47 -6.40
N LEU C 122 12.73 -1.10 -7.58
CA LEU C 122 13.94 -1.37 -8.36
C LEU C 122 14.59 -0.08 -8.82
N VAL C 123 13.79 0.86 -9.35
CA VAL C 123 14.38 2.11 -9.82
C VAL C 123 14.89 2.94 -8.66
N TYR C 124 14.19 2.91 -7.52
CA TYR C 124 14.66 3.61 -6.32
C TYR C 124 15.99 3.04 -5.83
N ASP C 125 16.11 1.71 -5.86
CA ASP C 125 17.36 1.08 -5.44
C ASP C 125 18.51 1.44 -6.38
N LEU C 126 18.26 1.42 -7.69
CA LEU C 126 19.36 1.67 -8.62
C LEU C 126 19.80 3.13 -8.59
N LEU C 127 18.86 4.08 -8.45
CA LEU C 127 19.28 5.47 -8.35
C LEU C 127 19.85 5.77 -6.96
N TYR C 128 19.48 4.98 -5.95
CA TYR C 128 20.07 5.14 -4.64
C TYR C 128 21.52 4.66 -4.62
N GLN C 129 21.86 3.69 -5.47
CA GLN C 129 23.23 3.19 -5.53
C GLN C 129 24.22 4.26 -5.95
N LEU C 130 23.78 5.24 -6.74
CA LEU C 130 24.60 6.38 -7.13
C LEU C 130 24.29 7.61 -6.27
N ARG C 131 23.43 7.46 -5.26
CA ARG C 131 22.98 8.54 -4.38
C ARG C 131 22.39 9.70 -5.18
N ALA C 132 21.57 9.37 -6.18
CA ALA C 132 20.92 10.40 -6.97
C ALA C 132 19.76 11.02 -6.19
N PRO C 133 19.47 12.29 -6.39
CA PRO C 133 18.33 12.91 -5.71
C PRO C 133 17.02 12.53 -6.37
N TYR C 134 15.93 13.07 -5.81
CA TYR C 134 14.56 12.82 -6.29
C TYR C 134 14.25 11.33 -6.29
N ARG C 135 14.42 10.72 -5.11
CA ARG C 135 14.24 9.28 -4.97
C ARG C 135 12.77 8.88 -5.12
N VAL C 136 11.88 9.59 -4.43
CA VAL C 136 10.46 9.24 -4.45
C VAL C 136 9.83 9.56 -5.79
N SER C 137 10.32 10.62 -6.45
CA SER C 137 9.66 11.14 -7.65
C SER C 137 9.65 10.12 -8.78
N CYS C 138 10.80 9.48 -9.03
CA CYS C 138 10.88 8.50 -10.11
C CYS C 138 9.98 7.30 -9.83
N SER C 139 9.93 6.86 -8.56
CA SER C 139 9.06 5.75 -8.19
C SER C 139 7.59 6.10 -8.41
N ALA C 140 7.20 7.32 -8.04
CA ALA C 140 5.83 7.75 -8.26
C ALA C 140 5.51 7.82 -9.75
N ILE C 141 6.45 8.32 -10.55
CA ILE C 141 6.21 8.44 -11.99
C ILE C 141 6.02 7.06 -12.61
N ILE C 142 6.90 6.10 -12.28
CA ILE C 142 6.80 4.79 -12.88
C ILE C 142 5.57 4.05 -12.35
N PHE C 143 5.17 4.33 -11.11
CA PHE C 143 3.94 3.74 -10.58
C PHE C 143 2.72 4.24 -11.36
N ALA C 144 2.68 5.54 -11.64
CA ALA C 144 1.57 6.10 -12.42
C ALA C 144 1.56 5.53 -13.83
N ILE C 145 2.73 5.41 -14.46
CA ILE C 145 2.82 4.86 -15.81
C ILE C 145 2.35 3.42 -15.84
N LEU C 146 2.76 2.62 -14.84
CA LEU C 146 2.34 1.23 -14.79
C LEU C 146 0.84 1.10 -14.55
N MET C 147 0.27 1.94 -13.70
CA MET C 147 -1.17 1.93 -13.50
C MET C 147 -1.91 2.29 -14.79
N SER C 148 -1.38 3.27 -15.53
CA SER C 148 -1.95 3.61 -16.83
C SER C 148 -1.87 2.44 -17.79
N GLY C 149 -0.74 1.71 -17.77
CA GLY C 149 -0.62 0.53 -18.62
C GLY C 149 -1.61 -0.56 -18.27
N VAL C 150 -1.83 -0.78 -16.98
CA VAL C 150 -2.82 -1.77 -16.53
C VAL C 150 -4.21 -1.38 -17.04
N LEU C 151 -4.56 -0.10 -16.89
CA LEU C 151 -5.89 0.33 -17.30
C LEU C 151 -6.04 0.30 -18.83
N ALA C 152 -4.97 0.61 -19.57
CA ALA C 152 -5.01 0.50 -21.01
C ALA C 152 -5.20 -0.95 -21.45
N GLU C 153 -4.50 -1.88 -20.79
CA GLU C 153 -4.72 -3.29 -21.07
C GLU C 153 -6.13 -3.72 -20.72
N PHE C 154 -6.72 -3.10 -19.69
CA PHE C 154 -8.13 -3.37 -19.37
C PHE C 154 -9.05 -2.93 -20.50
N TYR C 155 -8.80 -1.73 -21.05
CA TYR C 155 -9.61 -1.28 -22.19
C TYR C 155 -9.35 -2.10 -23.44
N ALA C 156 -8.16 -2.69 -23.57
CA ALA C 156 -7.82 -3.41 -24.79
C ALA C 156 -8.71 -4.63 -25.01
N GLU C 157 -9.00 -5.37 -23.95
CA GLU C 157 -9.79 -6.58 -24.04
C GLU C 157 -11.29 -6.32 -24.06
N GLY C 158 -11.72 -5.11 -23.68
CA GLY C 158 -13.13 -4.81 -23.53
C GLY C 158 -13.90 -4.65 -24.82
N ASP C 159 -14.96 -3.85 -24.76
CA ASP C 159 -15.85 -3.68 -25.89
C ASP C 159 -15.12 -2.94 -27.02
N PRO C 160 -15.14 -3.47 -28.24
CA PRO C 160 -14.45 -2.79 -29.36
C PRO C 160 -14.96 -1.39 -29.64
N ARG C 161 -16.16 -1.02 -29.20
CA ARG C 161 -16.59 0.36 -29.31
C ARG C 161 -15.78 1.28 -28.41
N LEU C 162 -15.13 0.74 -27.39
CA LEU C 162 -14.27 1.50 -26.48
C LEU C 162 -12.79 1.28 -26.75
N ARG C 163 -12.46 0.80 -27.95
CA ARG C 163 -11.06 0.52 -28.29
C ARG C 163 -10.24 1.80 -28.40
N ASN C 164 -10.90 2.94 -28.64
CA ASN C 164 -10.18 4.20 -28.83
C ASN C 164 -9.48 4.66 -27.56
N GLY C 165 -10.02 4.33 -26.39
CA GLY C 165 -9.39 4.74 -25.15
C GLY C 165 -8.05 4.07 -24.90
N ALA C 166 -7.87 2.86 -25.45
CA ALA C 166 -6.60 2.16 -25.30
C ALA C 166 -5.46 2.95 -25.93
N TYR C 167 -5.68 3.51 -27.12
CA TYR C 167 -4.66 4.32 -27.77
C TYR C 167 -4.39 5.61 -27.00
N ALA C 168 -5.42 6.21 -26.41
CA ALA C 168 -5.23 7.42 -25.61
C ALA C 168 -4.37 7.14 -24.38
N TRP C 169 -4.65 6.04 -23.68
CA TRP C 169 -3.84 5.68 -22.53
C TRP C 169 -2.44 5.24 -22.95
N TYR C 170 -2.30 4.65 -24.14
CA TYR C 170 -1.00 4.38 -24.71
C TYR C 170 -0.19 5.66 -24.90
N GLY C 171 -0.82 6.69 -25.47
CA GLY C 171 -0.14 7.96 -25.63
C GLY C 171 0.23 8.59 -24.30
N PHE C 172 -0.68 8.52 -23.33
CA PHE C 172 -0.39 9.03 -21.99
C PHE C 172 0.82 8.33 -21.38
N GLY C 173 0.81 7.00 -21.38
CA GLY C 173 1.91 6.26 -20.79
C GLY C 173 3.22 6.48 -21.51
N CYS C 174 3.19 6.56 -22.84
CA CYS C 174 4.41 6.80 -23.60
C CYS C 174 4.95 8.20 -23.34
N PHE C 175 4.08 9.20 -23.24
CA PHE C 175 4.55 10.56 -22.98
C PHE C 175 5.22 10.64 -21.61
N TRP C 176 4.56 10.10 -20.58
CA TRP C 176 5.18 10.14 -19.25
C TRP C 176 6.42 9.25 -19.17
N PHE C 177 6.47 8.15 -19.94
CA PHE C 177 7.65 7.31 -19.94
C PHE C 177 8.82 8.00 -20.62
N ILE C 178 8.55 8.74 -21.69
CA ILE C 178 9.61 9.53 -22.35
C ILE C 178 10.13 10.59 -21.40
N PHE C 179 9.22 11.28 -20.69
CA PHE C 179 9.65 12.28 -19.73
C PHE C 179 10.50 11.67 -18.62
N ALA C 180 10.06 10.52 -18.09
CA ALA C 180 10.80 9.86 -17.02
C ALA C 180 12.16 9.38 -17.50
N TYR C 181 12.22 8.79 -18.70
CA TYR C 181 13.49 8.32 -19.25
C TYR C 181 14.45 9.48 -19.45
N SER C 182 13.96 10.61 -19.99
CA SER C 182 14.82 11.76 -20.21
C SER C 182 15.36 12.30 -18.89
N ILE C 183 14.49 12.46 -17.88
CA ILE C 183 14.94 13.06 -16.63
C ILE C 183 15.89 12.10 -15.90
N VAL C 184 15.63 10.79 -15.94
CA VAL C 184 16.51 9.86 -15.24
C VAL C 184 17.86 9.77 -15.95
N MET C 185 17.86 9.81 -17.29
CA MET C 185 19.12 9.81 -18.02
C MET C 185 19.92 11.07 -17.69
N SER C 186 19.24 12.22 -17.63
CA SER C 186 19.93 13.47 -17.32
C SER C 186 20.54 13.44 -15.92
N ILE C 187 19.76 13.00 -14.92
CA ILE C 187 20.28 13.02 -13.55
C ILE C 187 21.39 11.99 -13.38
N VAL C 188 21.26 10.83 -14.03
CA VAL C 188 22.32 9.82 -13.94
C VAL C 188 23.60 10.33 -14.59
N ALA C 189 23.49 10.97 -15.75
CA ALA C 189 24.67 11.51 -16.43
C ALA C 189 25.34 12.58 -15.59
N LYS C 190 24.56 13.51 -15.04
CA LYS C 190 25.15 14.57 -14.22
C LYS C 190 25.79 14.00 -12.95
N GLN C 191 25.12 13.05 -12.30
CA GLN C 191 25.64 12.48 -11.06
C GLN C 191 26.93 11.72 -11.31
N TYR C 192 26.98 10.92 -12.38
CA TYR C 192 28.17 10.14 -12.62
C TYR C 192 29.30 11.02 -13.17
N SER C 193 28.96 12.12 -13.84
CA SER C 193 29.98 13.09 -14.23
C SER C 193 30.62 13.72 -13.00
N ARG C 194 29.80 14.08 -12.00
CA ARG C 194 30.35 14.59 -10.75
C ARG C 194 31.17 13.54 -10.03
N LEU C 195 30.73 12.29 -10.07
CA LEU C 195 31.51 11.20 -9.46
C LEU C 195 32.87 11.04 -10.16
N ALA C 196 32.87 11.08 -11.49
CA ALA C 196 34.11 10.92 -12.25
C ALA C 196 35.07 12.07 -12.00
N GLN C 197 34.56 13.31 -11.95
CA GLN C 197 35.43 14.42 -11.62
C GLN C 197 35.82 14.44 -10.14
N LEU C 198 35.13 13.66 -9.30
CA LEU C 198 35.54 13.46 -7.92
C LEU C 198 36.23 12.13 -7.71
N ALA C 199 36.49 11.37 -8.76
CA ALA C 199 37.15 10.06 -8.69
C ALA C 199 38.64 10.20 -8.98
N GLN C 200 39.40 10.64 -7.98
CA GLN C 200 40.85 10.79 -8.12
C GLN C 200 41.57 9.79 -7.22
N ASP C 201 42.54 9.08 -7.80
CA ASP C 201 43.35 8.07 -7.09
C ASP C 201 42.47 6.99 -6.48
N THR C 202 41.60 6.41 -7.31
CA THR C 202 40.63 5.43 -6.85
C THR C 202 41.21 4.02 -6.72
N GLY C 203 42.02 3.59 -7.69
CA GLY C 203 42.55 2.24 -7.68
C GLY C 203 41.58 1.18 -8.15
N ALA C 204 40.38 1.57 -8.57
CA ALA C 204 39.37 0.64 -9.06
C ALA C 204 38.80 1.11 -10.40
N GLU C 205 39.67 1.53 -11.31
CA GLU C 205 39.22 2.05 -12.60
C GLU C 205 38.54 0.97 -13.44
N HIS C 206 39.07 -0.24 -13.42
CA HIS C 206 38.42 -1.35 -14.11
C HIS C 206 37.08 -1.67 -13.47
N SER C 207 37.04 -1.68 -12.14
CA SER C 207 35.77 -1.82 -11.44
C SER C 207 34.84 -0.65 -11.72
N LEU C 208 35.40 0.56 -11.86
CA LEU C 208 34.61 1.71 -12.26
C LEU C 208 34.02 1.53 -13.64
N HIS C 209 34.81 0.97 -14.57
CA HIS C 209 34.30 0.68 -15.90
C HIS C 209 33.18 -0.36 -15.86
N VAL C 210 33.35 -1.39 -15.04
CA VAL C 210 32.31 -2.42 -14.90
C VAL C 210 31.02 -1.81 -14.39
N LEU C 211 31.11 -0.97 -13.35
CA LEU C 211 29.90 -0.41 -12.77
C LEU C 211 29.26 0.61 -13.72
N LYS C 212 30.06 1.41 -14.44
CA LYS C 212 29.44 2.37 -15.37
C LYS C 212 28.75 1.63 -16.51
N PHE C 213 29.37 0.56 -17.02
CA PHE C 213 28.74 -0.23 -18.07
C PHE C 213 27.43 -0.83 -17.59
N ALA C 214 27.44 -1.38 -16.36
CA ALA C 214 26.23 -1.97 -15.79
C ALA C 214 25.13 -0.93 -15.64
N VAL C 215 25.45 0.25 -15.10
CA VAL C 215 24.40 1.23 -14.82
C VAL C 215 23.87 1.84 -16.12
N PHE C 216 24.74 2.03 -17.12
CA PHE C 216 24.25 2.57 -18.40
C PHE C 216 23.35 1.57 -19.10
N THR C 217 23.75 0.29 -19.13
CA THR C 217 22.88 -0.73 -19.72
C THR C 217 21.57 -0.84 -18.96
N PHE C 218 21.63 -0.75 -17.63
CA PHE C 218 20.42 -0.86 -16.83
C PHE C 218 19.50 0.34 -17.03
N SER C 219 20.08 1.52 -17.27
CA SER C 219 19.28 2.69 -17.59
C SER C 219 18.64 2.58 -18.96
N MET C 220 19.33 1.98 -19.93
CA MET C 220 18.79 1.93 -21.28
C MET C 220 17.95 0.68 -21.56
N LEU C 221 17.86 -0.26 -20.61
CA LEU C 221 17.08 -1.47 -20.87
C LEU C 221 15.59 -1.22 -21.02
N TRP C 222 15.03 -0.16 -20.41
CA TRP C 222 13.57 0.00 -20.45
C TRP C 222 13.02 0.35 -21.83
N ILE C 223 13.83 0.35 -22.89
CA ILE C 223 13.34 0.59 -24.24
C ILE C 223 12.56 -0.61 -24.73
N LEU C 224 12.60 -1.71 -23.97
CA LEU C 224 11.88 -2.92 -24.37
C LEU C 224 10.37 -2.75 -24.25
N PHE C 225 9.89 -2.06 -23.21
CA PHE C 225 8.46 -1.99 -22.93
C PHE C 225 7.63 -1.42 -24.08
N PRO C 226 7.91 -0.22 -24.62
CA PRO C 226 7.02 0.27 -25.69
C PRO C 226 7.20 -0.49 -26.99
N LEU C 227 8.41 -0.97 -27.28
CA LEU C 227 8.60 -1.80 -28.47
C LEU C 227 7.82 -3.11 -28.36
N VAL C 228 7.87 -3.74 -27.18
CA VAL C 228 7.13 -5.00 -26.98
C VAL C 228 5.63 -4.74 -27.08
N TRP C 229 5.15 -3.64 -26.50
CA TRP C 229 3.73 -3.33 -26.59
C TRP C 229 3.32 -3.03 -28.03
N ALA C 230 4.19 -2.39 -28.81
CA ALA C 230 3.86 -2.08 -30.20
C ALA C 230 3.85 -3.32 -31.08
N ILE C 231 4.80 -4.23 -30.89
CA ILE C 231 4.87 -5.40 -31.76
C ILE C 231 3.80 -6.44 -31.45
N CYS C 232 3.29 -6.49 -30.22
CA CYS C 232 2.24 -7.43 -29.89
C CYS C 232 0.92 -6.95 -30.50
N PRO C 233 -0.09 -7.83 -30.61
CA PRO C 233 -1.35 -7.43 -31.26
C PRO C 233 -2.07 -6.26 -30.59
N ARG C 234 -1.67 -5.85 -29.38
CA ARG C 234 -2.23 -4.63 -28.80
C ARG C 234 -1.84 -3.40 -29.60
N GLY C 235 -0.70 -3.44 -30.28
CA GLY C 235 -0.25 -2.32 -31.09
C GLY C 235 -0.26 -2.59 -32.57
N PHE C 236 0.92 -2.56 -33.21
CA PHE C 236 1.00 -2.82 -34.64
C PHE C 236 0.77 -4.29 -34.95
N GLY C 237 0.97 -5.18 -33.97
CA GLY C 237 0.71 -6.59 -34.17
C GLY C 237 1.61 -7.28 -35.16
N TRP C 238 2.92 -7.00 -35.12
CA TRP C 238 3.86 -7.71 -35.98
C TRP C 238 4.18 -9.10 -35.48
N ILE C 239 3.82 -9.43 -34.24
CA ILE C 239 4.02 -10.76 -33.69
C ILE C 239 2.69 -11.27 -33.15
N ASP C 240 2.63 -12.57 -32.91
CA ASP C 240 1.43 -13.20 -32.37
C ASP C 240 1.49 -13.27 -30.85
N ASP C 241 0.38 -13.71 -30.25
CA ASP C 241 0.25 -13.72 -28.80
C ASP C 241 1.18 -14.74 -28.15
N ASN C 242 1.38 -15.89 -28.81
CA ASN C 242 2.13 -16.98 -28.20
C ASN C 242 3.60 -16.63 -27.99
N TRP C 243 4.15 -15.76 -28.83
CA TRP C 243 5.54 -15.35 -28.69
C TRP C 243 5.72 -14.12 -27.83
N THR C 244 4.63 -13.56 -27.28
CA THR C 244 4.75 -12.41 -26.38
C THR C 244 5.23 -12.84 -25.00
N GLU C 245 4.78 -14.02 -24.54
CA GLU C 245 5.13 -14.47 -23.20
C GLU C 245 6.62 -14.70 -23.05
N VAL C 246 7.25 -15.31 -24.06
CA VAL C 246 8.69 -15.54 -24.00
C VAL C 246 9.44 -14.22 -24.02
N ALA C 247 8.92 -13.23 -24.76
CA ALA C 247 9.53 -11.91 -24.78
C ALA C 247 9.47 -11.27 -23.40
N HIS C 248 8.32 -11.34 -22.74
CA HIS C 248 8.20 -10.78 -21.40
C HIS C 248 9.10 -11.51 -20.41
N CYS C 249 9.24 -12.83 -20.57
CA CYS C 249 10.13 -13.60 -19.70
C CYS C 249 11.58 -13.16 -19.87
N VAL C 250 12.07 -13.07 -21.10
CA VAL C 250 13.47 -12.67 -21.28
C VAL C 250 13.68 -11.22 -20.83
N CYS C 251 12.69 -10.35 -21.04
CA CYS C 251 12.84 -8.96 -20.63
C CYS C 251 12.89 -8.80 -19.12
N ASP C 252 11.96 -9.43 -18.39
CA ASP C 252 12.03 -9.24 -16.95
C ASP C 252 13.13 -10.05 -16.30
N ILE C 253 13.62 -11.12 -16.95
CA ILE C 253 14.84 -11.77 -16.46
C ILE C 253 16.02 -10.83 -16.60
N VAL C 254 16.16 -10.16 -17.75
CA VAL C 254 17.22 -9.17 -17.91
C VAL C 254 17.05 -8.05 -16.89
N ALA C 255 15.81 -7.67 -16.59
CA ALA C 255 15.56 -6.60 -15.64
C ALA C 255 15.97 -6.98 -14.22
N LYS C 256 15.70 -8.22 -13.81
CA LYS C 256 15.85 -8.61 -12.41
C LYS C 256 17.09 -9.45 -12.13
N SER C 257 17.26 -10.58 -12.82
CA SER C 257 18.36 -11.48 -12.51
C SER C 257 19.71 -10.86 -12.86
N CYS C 258 19.78 -10.16 -14.00
CA CYS C 258 21.02 -9.46 -14.36
C CYS C 258 21.33 -8.35 -13.38
N TYR C 259 20.29 -7.66 -12.90
CA TYR C 259 20.48 -6.64 -11.86
C TYR C 259 21.07 -7.25 -10.60
N GLY C 260 20.51 -8.39 -10.16
CA GLY C 260 21.03 -9.04 -8.97
C GLY C 260 22.45 -9.53 -9.15
N PHE C 261 22.77 -10.10 -10.31
CA PHE C 261 24.12 -10.57 -10.58
C PHE C 261 25.10 -9.40 -10.61
N ALA C 262 24.71 -8.29 -11.23
CA ALA C 262 25.59 -7.12 -11.29
C ALA C 262 25.84 -6.55 -9.90
N LEU C 263 24.80 -6.45 -9.07
CA LEU C 263 24.97 -5.96 -7.71
C LEU C 263 25.86 -6.91 -6.90
N ALA C 264 25.67 -8.22 -7.07
CA ALA C 264 26.49 -9.19 -6.35
C ALA C 264 27.95 -9.08 -6.76
N ARG C 265 28.21 -8.92 -8.07
CA ARG C 265 29.60 -8.80 -8.52
C ARG C 265 30.20 -7.48 -8.09
N PHE C 266 29.37 -6.42 -7.98
CA PHE C 266 29.88 -5.14 -7.50
C PHE C 266 30.24 -5.20 -6.02
N ARG C 267 29.43 -5.89 -5.21
CA ARG C 267 29.69 -5.92 -3.78
C ARG C 267 30.90 -6.77 -3.41
N LYS C 268 31.36 -7.64 -4.30
CA LYS C 268 32.54 -8.44 -4.01
C LYS C 268 33.83 -7.81 -4.54
N THR C 269 33.75 -6.59 -5.09
CA THR C 269 34.90 -5.93 -5.66
C THR C 269 35.06 -4.48 -5.24
N TYR C 270 34.08 -3.88 -4.56
CA TYR C 270 34.19 -2.49 -4.19
C TYR C 270 35.09 -2.33 -2.96
N ASP C 271 35.67 -1.14 -2.83
CA ASP C 271 36.52 -0.78 -1.71
C ASP C 271 35.93 0.42 -0.96
N GLU C 272 36.62 0.82 0.11
CA GLU C 272 36.04 1.71 1.11
C GLU C 272 36.19 3.18 0.79
N GLU C 273 37.28 3.59 0.12
CA GLU C 273 37.45 5.01 -0.17
C GLU C 273 36.43 5.49 -1.19
N LEU C 274 36.15 4.68 -2.22
CA LEU C 274 35.07 5.03 -3.13
C LEU C 274 33.72 5.05 -2.41
N PHE C 275 33.54 4.17 -1.42
CA PHE C 275 32.33 4.19 -0.61
C PHE C 275 32.15 5.53 0.10
N ARG C 276 33.18 5.98 0.82
CA ARG C 276 33.08 7.25 1.54
C ARG C 276 32.99 8.44 0.58
N LEU C 277 33.56 8.32 -0.62
CA LEU C 277 33.34 9.35 -1.64
C LEU C 277 31.90 9.36 -2.14
N LEU C 278 31.23 8.20 -2.20
CA LEU C 278 29.80 8.20 -2.50
C LEU C 278 28.99 8.88 -1.40
N GLU C 279 29.34 8.65 -0.13
CA GLU C 279 28.66 9.41 0.92
C GLU C 279 28.96 10.92 0.82
N GLN C 280 30.18 11.27 0.43
CA GLN C 280 30.50 12.69 0.21
C GLN C 280 29.69 13.27 -0.94
N LEU C 281 29.50 12.47 -2.00
CA LEU C 281 28.71 12.90 -3.15
C LEU C 281 27.25 13.11 -2.78
N GLY C 282 26.72 12.29 -1.88
CA GLY C 282 25.33 12.42 -1.49
C GLY C 282 25.07 13.55 -0.51
N HIS C 283 25.72 14.69 -0.73
CA HIS C 283 25.54 15.88 0.10
C HIS C 283 24.99 17.07 -0.68
N ASP C 284 25.60 17.41 -1.80
CA ASP C 284 25.14 18.53 -2.62
C ASP C 284 24.75 18.06 -4.02
#